data_5UX0
#
_entry.id   5UX0
#
_cell.length_a   85.003
_cell.length_b   130.993
_cell.length_c   171.468
_cell.angle_alpha   90.000
_cell.angle_beta   90.000
_cell.angle_gamma   90.000
#
_symmetry.space_group_name_H-M   'P 21 21 21'
#
loop_
_entity.id
_entity.type
_entity.pdbx_description
1 polymer 'Argonaute protein'
2 polymer "RNA (5'-R(*G*GP*UP*AP*CP*AP*AP*CP*CP*UP*AP*CP*UP*AP*CP*CP*UP*CP*AP*U)-3')"
3 polymer "DNA (5'-D(P*AP*TP*GP*AP*GP*GP*TP*AP*GP*TP*AP*GP*GP*TP*TP*GP*TP*AP*CP*C)-3')"
#
loop_
_entity_poly.entity_id
_entity_poly.type
_entity_poly.pdbx_seq_one_letter_code
_entity_poly.pdbx_strand_id
1 'polypeptide(L)'
;GANAYLNLYKIDIPKKIKRLYFYNPDMEPKLFARNLSRVNNFKFQDSNDLVWIEIPDIDFQITPKNVFQYKVEKEEIIKE
EEDKKLFVKTLYKYIKKLFLDNDFYFKKGNNFISNSEVFSLDSNENVNAHLTYKIKIHNISNEYYLSILPKFTFLSKEPA
LESAIKSGYLYNIKSGKSFPYISGLDGILKIDIGNNQIVEVAYPENYLFNFTTRDAEKYGFSKEVHEIYKNKVFEGFKKI
PKTLGFLNKITNLNENYQLKDGYKIFINVIYKFKNGESRYAKDVFKYSFYKNEQPLKAIFFFSSKKQFFEVQKSLKELFH
NKHSVFYRAAAELGFSKVEFLRDSKTKSSAFLYNPEEFTVKNTEFINQIEDNVMAIVLLDKYIGNIDPLVRNFPDNLILQ
PILKEKLEDIKPFIIKSYVYKMGNFIPECKPFILKKMEDKEKNLYIGIDLSHDTYARKTNLCIAAVDNTGDILYIGKHKN
LELNEKMNLDILEKEYIKAFEKYIEKFNVSPENVFILRAGRFIEDIEIIKNFISYNDTKYTLVEVNKNTNINSYDDLKEW
IIKLDENTYIYYPKTFLNQKGVEVKILENNTDYTIEEIIEQIYLLTRVAHSTPYTNYKLPYPLHIANKVALTDYEWKLYI
PY
;
A,D
2 'polyribonucleotide' GGUACAACCUACUACCUCAUU B,E
3 'polydeoxyribonucleotide'
;(DA)(DA)(DT)(DG)(DA)(DG)(DG)(DT)(DA)(DG)(DT)(DA)(DG)(DG)(DT)(DT)(DG)(DT)(DA)(DC)
(DC)
;
C,F
#
loop_
_chem_comp.id
_chem_comp.type
_chem_comp.name
_chem_comp.formula
A RNA linking ADENOSINE-5'-MONOPHOSPHATE 'C10 H14 N5 O7 P'
C RNA linking CYTIDINE-5'-MONOPHOSPHATE 'C9 H14 N3 O8 P'
DA DNA linking 2'-DEOXYADENOSINE-5'-MONOPHOSPHATE 'C10 H14 N5 O6 P'
DC DNA linking 2'-DEOXYCYTIDINE-5'-MONOPHOSPHATE 'C9 H14 N3 O7 P'
DG DNA linking 2'-DEOXYGUANOSINE-5'-MONOPHOSPHATE 'C10 H14 N5 O7 P'
DT DNA linking THYMIDINE-5'-MONOPHOSPHATE 'C10 H15 N2 O8 P'
G RNA linking GUANOSINE-5'-MONOPHOSPHATE 'C10 H14 N5 O8 P'
U RNA linking URIDINE-5'-MONOPHOSPHATE 'C9 H13 N2 O9 P'
#
# COMPACT_ATOMS: atom_id res chain seq x y z
N ASN A 3 -7.06 -18.43 11.30
CA ASN A 3 -7.44 -18.19 12.69
C ASN A 3 -6.56 -17.13 13.33
N ALA A 4 -7.19 -16.09 13.88
CA ALA A 4 -6.44 -14.97 14.43
C ALA A 4 -5.69 -15.36 15.68
N TYR A 5 -4.41 -14.99 15.73
CA TYR A 5 -3.58 -15.21 16.90
C TYR A 5 -3.78 -14.08 17.90
N LEU A 6 -3.65 -14.40 19.18
CA LEU A 6 -3.68 -13.41 20.23
C LEU A 6 -2.61 -13.72 21.26
N ASN A 7 -1.96 -12.67 21.78
CA ASN A 7 -0.82 -12.82 22.68
C ASN A 7 -1.28 -13.07 24.12
N LEU A 8 -2.08 -14.12 24.29
CA LEU A 8 -2.62 -14.51 25.58
C LEU A 8 -2.26 -15.95 25.86
N TYR A 9 -1.85 -16.25 27.08
CA TYR A 9 -1.47 -17.60 27.47
C TYR A 9 -2.12 -17.97 28.80
N LYS A 10 -2.89 -19.05 28.82
CA LYS A 10 -3.58 -19.45 30.04
C LYS A 10 -2.58 -19.88 31.11
N ILE A 11 -2.83 -19.44 32.34
CA ILE A 11 -1.94 -19.69 33.46
C ILE A 11 -2.39 -20.98 34.13
N ASP A 12 -1.68 -22.07 33.87
CA ASP A 12 -2.11 -23.40 34.30
C ASP A 12 -1.44 -23.80 35.62
N ILE A 13 -1.71 -23.01 36.65
CA ILE A 13 -1.27 -23.32 38.01
C ILE A 13 -2.43 -23.09 38.96
N PRO A 14 -2.39 -23.70 40.14
CA PRO A 14 -3.47 -23.49 41.11
C PRO A 14 -3.63 -22.02 41.42
N LYS A 15 -4.90 -21.60 41.51
CA LYS A 15 -5.23 -20.20 41.73
C LYS A 15 -5.01 -19.77 43.18
N LYS A 16 -4.76 -20.71 44.07
CA LYS A 16 -4.41 -20.37 45.45
C LYS A 16 -2.93 -20.05 45.55
N ILE A 17 -2.59 -19.18 46.49
CA ILE A 17 -1.19 -18.86 46.81
C ILE A 17 -0.93 -19.31 48.23
N LYS A 18 0.24 -19.87 48.46
CA LYS A 18 0.58 -20.44 49.75
C LYS A 18 1.70 -19.64 50.41
N ARG A 19 1.54 -19.42 51.71
CA ARG A 19 2.48 -18.69 52.55
C ARG A 19 3.23 -19.69 53.42
N LEU A 20 4.55 -19.57 53.40
CA LEU A 20 5.48 -20.48 54.06
C LEU A 20 6.27 -19.71 55.11
N TYR A 21 6.59 -20.38 56.21
CA TYR A 21 7.31 -19.76 57.32
C TYR A 21 8.64 -20.45 57.56
N PHE A 22 9.64 -19.64 57.87
CA PHE A 22 10.99 -20.11 58.18
C PHE A 22 11.39 -19.58 59.55
N TYR A 23 12.04 -20.42 60.35
CA TYR A 23 12.51 -20.05 61.67
C TYR A 23 14.01 -20.30 61.77
N ASN A 24 14.77 -19.23 61.95
CA ASN A 24 16.22 -19.35 62.11
C ASN A 24 16.59 -18.87 63.50
N PRO A 25 16.99 -19.76 64.41
CA PRO A 25 17.37 -19.30 65.76
C PRO A 25 18.71 -18.61 65.79
N ASP A 26 19.65 -18.99 64.92
CA ASP A 26 21.01 -18.48 64.99
C ASP A 26 21.10 -17.01 64.61
N MET A 27 20.24 -16.54 63.70
CA MET A 27 20.37 -15.22 63.09
C MET A 27 19.19 -14.34 63.51
N GLU A 28 19.40 -13.03 63.38
CA GLU A 28 18.31 -12.07 63.57
C GLU A 28 17.26 -12.27 62.47
N PRO A 29 15.97 -12.24 62.82
CA PRO A 29 14.94 -12.47 61.79
C PRO A 29 14.95 -11.44 60.67
N LYS A 30 15.06 -10.15 61.01
CA LYS A 30 15.02 -9.11 59.98
C LYS A 30 16.20 -9.25 59.02
N LEU A 31 17.40 -9.54 59.54
CA LEU A 31 18.55 -9.73 58.67
C LEU A 31 18.40 -11.00 57.84
N PHE A 32 17.82 -12.04 58.42
CA PHE A 32 17.55 -13.27 57.68
C PHE A 32 16.64 -12.98 56.49
N ALA A 33 15.54 -12.26 56.73
CA ALA A 33 14.63 -11.89 55.65
C ALA A 33 15.30 -11.00 54.62
N ARG A 34 16.24 -10.15 55.04
CA ARG A 34 16.97 -9.34 54.08
C ARG A 34 17.86 -10.19 53.18
N ASN A 35 18.64 -11.10 53.78
CA ASN A 35 19.50 -11.97 52.99
C ASN A 35 18.68 -12.80 52.00
N LEU A 36 17.67 -13.52 52.51
CA LEU A 36 16.84 -14.33 51.63
C LEU A 36 16.21 -13.48 50.53
N SER A 37 15.72 -12.30 50.89
CA SER A 37 15.08 -11.42 49.91
C SER A 37 16.06 -11.03 48.81
N ARG A 38 17.28 -10.64 49.18
CA ARG A 38 18.24 -10.22 48.17
C ARG A 38 18.67 -11.38 47.28
N VAL A 39 18.82 -12.58 47.85
CA VAL A 39 19.40 -13.67 47.09
C VAL A 39 18.37 -14.31 46.15
N ASN A 40 17.13 -14.50 46.60
CA ASN A 40 16.14 -15.14 45.72
C ASN A 40 15.48 -14.20 44.73
N ASN A 41 15.86 -12.92 44.68
CA ASN A 41 15.17 -11.94 43.83
C ASN A 41 13.66 -11.94 44.10
N PHE A 42 13.31 -12.16 45.36
CA PHE A 42 11.93 -12.17 45.83
C PHE A 42 11.93 -11.44 47.17
N LYS A 43 10.74 -11.09 47.65
CA LYS A 43 10.65 -10.34 48.90
C LYS A 43 10.23 -11.28 50.03
N PHE A 44 10.97 -11.22 51.13
CA PHE A 44 10.63 -11.97 52.33
C PHE A 44 10.22 -10.98 53.41
N GLN A 45 9.09 -11.25 54.06
CA GLN A 45 8.59 -10.40 55.13
C GLN A 45 8.86 -11.08 56.46
N ASP A 46 9.31 -10.29 57.44
CA ASP A 46 9.68 -10.80 58.75
C ASP A 46 8.57 -10.53 59.76
N SER A 47 8.14 -11.57 60.45
CA SER A 47 7.19 -11.42 61.55
C SER A 47 7.98 -11.20 62.84
N ASN A 48 7.28 -11.30 63.99
CA ASN A 48 7.93 -11.11 65.28
C ASN A 48 9.13 -12.05 65.44
N ASP A 49 8.88 -13.36 65.31
CA ASP A 49 9.91 -14.37 65.50
C ASP A 49 10.21 -15.17 64.24
N LEU A 50 9.42 -15.02 63.19
CA LEU A 50 9.52 -15.85 62.01
C LEU A 50 9.67 -14.98 60.77
N VAL A 51 10.15 -15.59 59.70
CA VAL A 51 10.28 -14.95 58.39
C VAL A 51 9.40 -15.73 57.42
N TRP A 52 8.61 -15.02 56.63
CA TRP A 52 7.67 -15.66 55.74
C TRP A 52 7.70 -15.03 54.35
N ILE A 53 7.22 -15.82 53.38
CA ILE A 53 7.16 -15.42 51.99
C ILE A 53 5.85 -15.93 51.41
N GLU A 54 5.26 -15.15 50.51
CA GLU A 54 4.03 -15.54 49.82
C GLU A 54 4.37 -15.87 48.38
N ILE A 55 4.04 -17.08 47.95
CA ILE A 55 4.37 -17.56 46.62
C ILE A 55 3.21 -18.34 46.05
N PRO A 56 3.11 -18.44 44.73
CA PRO A 56 2.06 -19.24 44.11
C PRO A 56 2.31 -20.73 44.28
N ASP A 57 1.23 -21.50 44.13
CA ASP A 57 1.29 -22.96 44.33
C ASP A 57 2.06 -23.58 43.17
N ILE A 58 3.39 -23.52 43.27
CA ILE A 58 4.28 -24.07 42.26
C ILE A 58 5.58 -24.42 42.98
N ASP A 59 6.41 -25.23 42.32
CA ASP A 59 7.71 -25.58 42.89
C ASP A 59 8.59 -24.33 42.89
N PHE A 60 8.69 -23.69 44.05
CA PHE A 60 9.47 -22.46 44.22
C PHE A 60 10.72 -22.84 44.99
N GLN A 61 11.88 -22.78 44.34
CA GLN A 61 13.11 -23.29 44.91
C GLN A 61 13.83 -22.17 45.65
N ILE A 62 13.98 -22.34 46.96
CA ILE A 62 14.56 -21.32 47.84
C ILE A 62 16.08 -21.35 47.76
N THR A 63 16.68 -20.18 47.94
CA THR A 63 18.13 -20.03 48.02
C THR A 63 18.58 -19.50 49.36
N PRO A 64 19.58 -20.15 49.98
CA PRO A 64 20.25 -21.40 49.57
C PRO A 64 19.48 -22.65 49.96
N LYS A 65 19.86 -23.81 49.42
CA LYS A 65 19.12 -25.04 49.72
C LYS A 65 19.17 -25.38 51.21
N ASN A 66 20.27 -25.04 51.88
CA ASN A 66 20.38 -25.34 53.31
C ASN A 66 19.30 -24.65 54.14
N VAL A 67 18.58 -23.69 53.55
CA VAL A 67 17.49 -23.00 54.24
C VAL A 67 16.37 -23.97 54.60
N PHE A 68 16.30 -25.13 53.94
CA PHE A 68 15.22 -26.08 54.21
C PHE A 68 15.13 -26.44 55.69
N GLN A 69 16.26 -26.37 56.41
CA GLN A 69 16.25 -26.72 57.83
C GLN A 69 15.37 -25.78 58.63
N TYR A 70 15.35 -24.50 58.26
CA TYR A 70 14.59 -23.49 58.99
C TYR A 70 13.10 -23.49 58.65
N LYS A 71 12.68 -24.18 57.59
CA LYS A 71 11.27 -24.21 57.23
C LYS A 71 10.47 -24.97 58.29
N VAL A 72 9.19 -24.62 58.41
CA VAL A 72 8.29 -25.23 59.36
C VAL A 72 7.11 -25.81 58.60
N GLU A 73 6.53 -26.88 59.15
CA GLU A 73 5.39 -27.52 58.51
C GLU A 73 4.20 -26.58 58.42
N LYS A 74 4.12 -25.61 59.33
CA LYS A 74 3.04 -24.62 59.31
C LYS A 74 3.01 -23.89 57.97
N GLU A 75 1.87 -23.95 57.29
CA GLU A 75 1.68 -23.34 55.98
C GLU A 75 0.26 -22.80 55.92
N GLU A 76 0.09 -21.66 55.25
CA GLU A 76 -1.27 -21.14 55.05
C GLU A 76 -1.57 -21.07 53.57
N ILE A 77 -2.79 -21.43 53.20
CA ILE A 77 -3.24 -21.38 51.82
C ILE A 77 -4.33 -20.33 51.70
N ILE A 78 -4.13 -19.37 50.80
CA ILE A 78 -5.10 -18.31 50.55
C ILE A 78 -5.59 -18.52 49.13
N LYS A 79 -6.87 -18.84 48.99
CA LYS A 79 -7.45 -19.10 47.69
C LYS A 79 -7.58 -17.79 46.91
N GLU A 80 -7.63 -17.91 45.58
CA GLU A 80 -7.86 -16.73 44.76
C GLU A 80 -9.25 -16.17 45.00
N GLU A 81 -10.22 -17.04 45.29
CA GLU A 81 -11.58 -16.58 45.55
C GLU A 81 -11.61 -15.67 46.78
N GLU A 82 -10.84 -16.01 47.81
CA GLU A 82 -10.86 -15.23 49.04
C GLU A 82 -10.23 -13.86 48.83
N ASP A 83 -9.06 -13.80 48.19
CA ASP A 83 -8.35 -12.54 47.95
C ASP A 83 -7.79 -12.60 46.53
N LYS A 84 -8.46 -11.90 45.59
CA LYS A 84 -7.95 -11.84 44.23
C LYS A 84 -6.71 -10.96 44.13
N LYS A 85 -6.72 -9.82 44.83
CA LYS A 85 -5.62 -8.88 44.76
C LYS A 85 -4.30 -9.52 45.18
N LEU A 86 -4.34 -10.29 46.28
CA LEU A 86 -3.13 -10.95 46.76
C LEU A 86 -2.59 -11.94 45.74
N PHE A 87 -3.49 -12.71 45.11
CA PHE A 87 -3.06 -13.64 44.08
C PHE A 87 -2.39 -12.92 42.93
N VAL A 88 -3.00 -11.82 42.46
CA VAL A 88 -2.45 -11.13 41.30
C VAL A 88 -1.10 -10.51 41.62
N LYS A 89 -1.01 -9.78 42.74
CA LYS A 89 0.27 -9.13 43.06
C LYS A 89 1.36 -10.16 43.33
N THR A 90 1.04 -11.22 44.08
CA THR A 90 2.02 -12.28 44.32
C THR A 90 2.49 -12.89 42.99
N LEU A 91 1.56 -13.10 42.06
CA LEU A 91 1.93 -13.64 40.76
C LEU A 91 2.86 -12.70 40.01
N TYR A 92 2.57 -11.39 40.04
CA TYR A 92 3.47 -10.42 39.44
C TYR A 92 4.86 -10.54 40.03
N LYS A 93 4.95 -10.68 41.36
CA LYS A 93 6.26 -10.85 42.01
C LYS A 93 6.99 -12.08 41.48
N TYR A 94 6.27 -13.21 41.34
CA TYR A 94 6.93 -14.41 40.85
C TYR A 94 7.39 -14.26 39.41
N ILE A 95 6.59 -13.61 38.57
CA ILE A 95 7.00 -13.35 37.19
C ILE A 95 8.29 -12.53 37.17
N LYS A 96 8.30 -11.42 37.93
CA LYS A 96 9.49 -10.60 37.99
C LYS A 96 10.71 -11.40 38.46
N LYS A 97 10.52 -12.27 39.46
CA LYS A 97 11.65 -13.09 39.92
C LYS A 97 12.15 -14.00 38.80
N LEU A 98 11.24 -14.62 38.05
CA LEU A 98 11.66 -15.49 36.96
C LEU A 98 12.48 -14.73 35.93
N PHE A 99 11.99 -13.55 35.51
CA PHE A 99 12.73 -12.77 34.53
C PHE A 99 14.10 -12.36 35.06
N LEU A 100 14.16 -11.87 36.30
CA LEU A 100 15.44 -11.48 36.87
C LEU A 100 16.40 -12.67 36.94
N ASP A 101 15.89 -13.84 37.33
CA ASP A 101 16.73 -15.03 37.40
C ASP A 101 17.20 -15.46 36.02
N ASN A 102 16.45 -15.14 34.97
CA ASN A 102 16.85 -15.48 33.61
C ASN A 102 17.49 -14.30 32.87
N ASP A 103 18.23 -13.47 33.60
CA ASP A 103 19.09 -12.45 33.00
C ASP A 103 18.27 -11.47 32.15
N PHE A 104 17.29 -10.85 32.80
CA PHE A 104 16.45 -9.84 32.19
C PHE A 104 16.51 -8.59 33.07
N TYR A 105 16.51 -7.43 32.42
CA TYR A 105 16.51 -6.17 33.13
C TYR A 105 15.08 -5.75 33.40
N PHE A 106 14.85 -5.12 34.54
CA PHE A 106 13.53 -4.67 34.92
C PHE A 106 13.39 -3.18 34.61
N LYS A 107 12.29 -2.81 33.97
CA LYS A 107 11.97 -1.43 33.69
C LYS A 107 10.59 -1.13 34.24
N LYS A 108 10.30 0.15 34.44
CA LYS A 108 9.01 0.56 34.97
C LYS A 108 7.89 0.12 34.03
N GLY A 109 6.77 -0.29 34.62
CA GLY A 109 5.65 -0.76 33.82
C GLY A 109 5.70 -2.22 33.42
N ASN A 110 6.47 -3.03 34.14
CA ASN A 110 6.59 -4.47 33.86
C ASN A 110 7.19 -4.73 32.48
N ASN A 111 8.24 -3.99 32.14
CA ASN A 111 9.01 -4.23 30.92
C ASN A 111 10.32 -4.91 31.28
N PHE A 112 10.65 -5.97 30.55
CA PHE A 112 11.86 -6.75 30.78
C PHE A 112 12.72 -6.73 29.54
N ILE A 113 13.97 -6.29 29.70
CA ILE A 113 14.95 -6.14 28.63
C ILE A 113 15.86 -7.37 28.62
N SER A 114 16.38 -7.72 27.45
CA SER A 114 17.22 -8.89 27.29
C SER A 114 18.67 -8.47 27.08
N ASN A 115 19.57 -9.02 27.89
CA ASN A 115 20.99 -8.78 27.69
C ASN A 115 21.56 -9.63 26.57
N SER A 116 20.98 -10.80 26.34
CA SER A 116 21.48 -11.71 25.32
C SER A 116 21.01 -11.33 23.91
N GLU A 117 19.72 -11.01 23.78
CA GLU A 117 19.10 -10.86 22.46
C GLU A 117 19.11 -9.39 22.04
N VAL A 118 20.32 -8.92 21.73
CA VAL A 118 20.55 -7.56 21.29
C VAL A 118 21.24 -7.59 19.93
N PHE A 119 21.08 -6.50 19.18
CA PHE A 119 21.83 -6.38 17.94
C PHE A 119 22.17 -4.91 17.68
N SER A 120 23.19 -4.69 16.87
CA SER A 120 23.69 -3.35 16.60
C SER A 120 22.89 -2.69 15.49
N LEU A 121 22.54 -1.43 15.71
CA LEU A 121 21.78 -0.67 14.72
C LEU A 121 22.65 -0.40 13.49
N ASP A 122 22.03 -0.48 12.30
CA ASP A 122 22.77 -0.22 11.08
C ASP A 122 23.19 1.25 10.97
N SER A 123 22.29 2.17 11.35
CA SER A 123 22.61 3.60 11.27
C SER A 123 23.73 3.97 12.23
N ASN A 124 23.75 3.36 13.41
CA ASN A 124 24.77 3.67 14.41
C ASN A 124 25.20 2.38 15.10
N GLU A 125 26.49 2.05 14.98
CA GLU A 125 26.99 0.81 15.56
C GLU A 125 27.08 0.89 17.08
N ASN A 126 27.34 2.08 17.62
CA ASN A 126 27.46 2.23 19.07
C ASN A 126 26.14 2.04 19.80
N VAL A 127 25.02 2.20 19.11
CA VAL A 127 23.71 2.00 19.72
C VAL A 127 23.31 0.55 19.56
N ASN A 128 22.77 -0.03 20.63
CA ASN A 128 22.37 -1.42 20.68
C ASN A 128 20.87 -1.49 20.91
N ALA A 129 20.21 -2.35 20.14
CA ALA A 129 18.78 -2.60 20.27
C ALA A 129 18.57 -3.88 21.09
N HIS A 130 17.80 -3.75 22.15
CA HIS A 130 17.51 -4.81 23.11
C HIS A 130 16.09 -5.29 22.92
N LEU A 131 15.91 -6.60 22.76
CA LEU A 131 14.57 -7.15 22.76
C LEU A 131 13.96 -7.04 24.15
N THR A 132 12.70 -6.62 24.21
CA THR A 132 12.02 -6.29 25.44
C THR A 132 10.61 -6.85 25.38
N TYR A 133 10.09 -7.26 26.54
CA TYR A 133 8.75 -7.81 26.62
C TYR A 133 7.98 -7.13 27.74
N LYS A 134 6.71 -6.85 27.48
CA LYS A 134 5.79 -6.25 28.45
C LYS A 134 4.79 -7.31 28.88
N ILE A 135 4.64 -7.48 30.20
CA ILE A 135 3.87 -8.57 30.77
C ILE A 135 2.68 -8.00 31.52
N LYS A 136 1.50 -8.57 31.31
CA LYS A 136 0.33 -8.19 32.10
C LYS A 136 -0.50 -9.42 32.45
N ILE A 137 -1.22 -9.32 33.57
CA ILE A 137 -2.12 -10.37 34.05
C ILE A 137 -3.55 -9.93 33.79
N HIS A 138 -4.31 -10.79 33.10
CA HIS A 138 -5.69 -10.49 32.73
C HIS A 138 -6.62 -11.54 33.29
N ASN A 139 -7.76 -11.11 33.83
CA ASN A 139 -8.76 -12.04 34.35
C ASN A 139 -9.97 -11.97 33.43
N ILE A 140 -10.18 -13.02 32.65
CA ILE A 140 -11.30 -13.11 31.72
C ILE A 140 -11.92 -14.50 31.82
N SER A 141 -13.25 -14.54 31.76
CA SER A 141 -14.02 -15.79 31.82
C SER A 141 -13.68 -16.59 33.08
N ASN A 142 -13.49 -15.88 34.19
CA ASN A 142 -13.16 -16.48 35.48
C ASN A 142 -11.87 -17.30 35.40
N GLU A 143 -10.93 -16.85 34.56
CA GLU A 143 -9.63 -17.51 34.46
C GLU A 143 -8.56 -16.44 34.28
N TYR A 144 -7.32 -16.79 34.61
CA TYR A 144 -6.19 -15.87 34.55
C TYR A 144 -5.33 -16.20 33.33
N TYR A 145 -5.05 -15.17 32.54
CA TYR A 145 -4.23 -15.25 31.33
C TYR A 145 -3.08 -14.26 31.42
N LEU A 146 -2.03 -14.55 30.66
CA LEU A 146 -0.83 -13.74 30.64
C LEU A 146 -0.68 -13.12 29.26
N SER A 147 -0.50 -11.81 29.21
CA SER A 147 -0.34 -11.08 27.96
C SER A 147 1.12 -10.65 27.81
N ILE A 148 1.70 -10.99 26.66
CA ILE A 148 3.10 -10.78 26.37
C ILE A 148 3.19 -9.90 25.14
N LEU A 149 3.88 -8.76 25.26
CA LEU A 149 4.01 -7.83 24.15
C LEU A 149 5.47 -7.59 23.80
N PRO A 150 5.86 -7.74 22.54
CA PRO A 150 7.25 -7.46 22.17
C PRO A 150 7.45 -5.99 21.82
N LYS A 151 8.46 -5.37 22.42
CA LYS A 151 8.89 -4.02 22.10
C LYS A 151 10.40 -4.00 22.22
N PHE A 152 11.01 -2.89 21.83
CA PHE A 152 12.46 -2.79 21.84
C PHE A 152 12.90 -1.64 22.74
N THR A 153 14.00 -1.84 23.46
CA THR A 153 14.61 -0.81 24.28
C THR A 153 16.01 -0.53 23.74
N PHE A 154 16.31 0.74 23.51
CA PHE A 154 17.56 1.12 22.86
C PHE A 154 18.52 1.66 23.91
N LEU A 155 19.68 1.02 24.02
CA LEU A 155 20.69 1.41 24.99
C LEU A 155 22.06 1.31 24.33
N SER A 156 23.03 2.02 24.90
CA SER A 156 24.37 2.02 24.33
C SER A 156 24.94 0.61 24.32
N LYS A 157 25.79 0.33 23.32
CA LYS A 157 26.35 -1.00 23.19
C LYS A 157 27.31 -1.32 24.34
N GLU A 158 28.05 -0.32 24.81
CA GLU A 158 29.06 -0.48 25.84
C GLU A 158 28.78 0.47 27.00
N PRO A 159 29.33 0.19 28.19
CA PRO A 159 29.10 1.06 29.34
C PRO A 159 29.60 2.48 29.09
N ALA A 160 29.11 3.39 29.94
CA ALA A 160 29.27 4.83 29.70
C ALA A 160 30.73 5.23 29.50
N LEU A 161 31.63 4.77 30.37
CA LEU A 161 33.02 5.20 30.24
C LEU A 161 33.66 4.65 28.98
N GLU A 162 33.20 3.51 28.49
CA GLU A 162 33.73 2.90 27.28
C GLU A 162 32.80 3.09 26.09
N SER A 163 31.81 3.98 26.20
CA SER A 163 30.84 4.23 25.14
C SER A 163 31.13 5.58 24.49
N ALA A 164 31.27 5.56 23.17
CA ALA A 164 31.46 6.82 22.44
C ALA A 164 30.23 7.71 22.54
N ILE A 165 29.03 7.12 22.48
CA ILE A 165 27.80 7.88 22.61
C ILE A 165 27.57 8.22 24.08
N LYS A 166 27.17 9.46 24.34
CA LYS A 166 26.89 9.93 25.68
C LYS A 166 25.51 10.57 25.71
N SER A 167 24.84 10.45 26.85
CA SER A 167 23.46 10.90 26.97
C SER A 167 23.26 11.57 28.32
N GLY A 168 22.06 12.10 28.53
CA GLY A 168 21.78 12.82 29.75
C GLY A 168 21.63 11.92 30.97
N TYR A 169 21.02 10.75 30.80
CA TYR A 169 20.72 9.86 31.90
C TYR A 169 21.32 8.48 31.66
N LEU A 170 21.44 7.71 32.74
CA LEU A 170 21.90 6.33 32.66
C LEU A 170 20.90 5.38 33.29
N TYR A 171 20.89 4.16 32.78
CA TYR A 171 20.06 3.06 33.28
C TYR A 171 20.97 2.03 33.92
N ASN A 172 20.65 1.63 35.14
CA ASN A 172 21.45 0.66 35.87
C ASN A 172 20.92 -0.75 35.63
N ILE A 173 21.76 -1.60 35.05
CA ILE A 173 21.35 -2.97 34.73
C ILE A 173 20.85 -3.70 35.96
N LYS A 174 21.61 -3.64 37.05
CA LYS A 174 21.24 -4.36 38.25
C LYS A 174 20.10 -3.67 39.00
N SER A 175 20.23 -2.36 39.24
CA SER A 175 19.23 -1.65 40.03
C SER A 175 17.90 -1.55 39.28
N GLY A 176 17.94 -1.26 38.00
CA GLY A 176 16.72 -0.99 37.25
C GLY A 176 16.21 0.43 37.37
N LYS A 177 17.06 1.36 37.81
CA LYS A 177 16.69 2.76 37.96
C LYS A 177 17.64 3.62 37.14
N SER A 178 17.19 4.83 36.82
CA SER A 178 17.92 5.74 35.96
C SER A 178 18.32 6.99 36.74
N PHE A 179 19.53 7.48 36.49
CA PHE A 179 20.03 8.64 37.20
C PHE A 179 20.71 9.61 36.24
N PRO A 180 20.67 10.90 36.54
CA PRO A 180 21.35 11.88 35.69
C PRO A 180 22.86 11.71 35.71
N TYR A 181 23.46 11.78 34.51
CA TYR A 181 24.88 11.56 34.31
C TYR A 181 25.62 12.88 34.46
N ILE A 182 26.48 12.98 35.47
CA ILE A 182 27.22 14.22 35.72
C ILE A 182 28.57 14.22 35.02
N SER A 183 29.38 13.20 35.26
CA SER A 183 30.72 13.17 34.68
C SER A 183 31.24 11.74 34.63
N GLY A 184 32.17 11.52 33.71
CA GLY A 184 32.84 10.24 33.56
C GLY A 184 34.33 10.45 33.61
N LEU A 185 34.75 11.44 34.41
CA LEU A 185 36.14 11.88 34.45
C LEU A 185 37.02 10.86 35.16
N ASP A 186 38.22 10.64 34.59
CA ASP A 186 39.31 9.90 35.23
C ASP A 186 38.85 8.56 35.81
N GLY A 187 38.14 7.78 34.99
CA GLY A 187 37.79 6.43 35.35
C GLY A 187 36.75 6.29 36.45
N ILE A 188 36.17 7.39 36.92
CA ILE A 188 35.13 7.38 37.94
C ILE A 188 33.90 8.09 37.39
N LEU A 189 32.76 7.44 37.46
CA LEU A 189 31.52 7.97 36.91
C LEU A 189 30.64 8.48 38.04
N LYS A 190 30.19 9.74 37.93
CA LYS A 190 29.37 10.38 38.94
C LYS A 190 27.98 10.66 38.41
N ILE A 191 26.98 10.44 39.26
CA ILE A 191 25.58 10.63 38.92
C ILE A 191 24.91 11.50 39.99
N ASP A 192 23.74 12.03 39.65
CA ASP A 192 22.96 12.82 40.59
C ASP A 192 21.75 12.01 41.07
N ILE A 193 21.62 11.85 42.38
CA ILE A 193 20.43 11.25 42.97
C ILE A 193 19.65 12.35 43.68
N ASN A 195 18.25 14.45 46.37
CA ASN A 195 18.15 15.86 46.03
C ASN A 195 19.54 16.45 45.79
N ASN A 196 19.98 16.45 44.53
CA ASN A 196 21.26 17.05 44.12
C ASN A 196 22.41 16.43 44.91
N GLN A 197 22.39 15.11 45.06
CA GLN A 197 23.45 14.40 45.76
C GLN A 197 24.28 13.64 44.75
N ILE A 198 25.58 13.92 44.71
CA ILE A 198 26.47 13.33 43.72
C ILE A 198 27.41 12.36 44.41
N VAL A 199 27.56 11.16 43.83
CA VAL A 199 28.36 10.08 44.39
C VAL A 199 29.11 9.38 43.27
N GLU A 200 30.23 8.76 43.63
CA GLU A 200 30.96 7.87 42.72
C GLU A 200 30.44 6.45 42.85
N VAL A 201 29.97 5.89 41.72
CA VAL A 201 29.38 4.57 41.71
C VAL A 201 30.49 3.54 41.59
N ALA A 202 30.30 2.39 42.23
CA ALA A 202 31.34 1.36 42.25
C ALA A 202 31.58 0.73 40.88
N TYR A 203 30.53 0.49 40.11
CA TYR A 203 30.63 -0.29 38.86
C TYR A 203 30.23 0.53 37.65
N PRO A 204 31.18 1.16 36.94
CA PRO A 204 30.81 1.88 35.72
C PRO A 204 30.26 0.96 34.63
N GLU A 205 30.61 -0.33 34.67
CA GLU A 205 30.13 -1.25 33.64
C GLU A 205 28.66 -1.60 33.81
N ASN A 206 28.10 -1.44 35.01
CA ASN A 206 26.69 -1.75 35.20
C ASN A 206 25.79 -0.68 34.58
N TYR A 207 26.28 0.54 34.44
CA TYR A 207 25.48 1.64 33.94
C TYR A 207 25.54 1.71 32.42
N LEU A 208 24.39 2.01 31.82
CA LEU A 208 24.23 2.08 30.37
C LEU A 208 23.59 3.42 30.03
N PHE A 209 23.58 3.75 28.74
CA PHE A 209 23.02 5.02 28.28
C PHE A 209 21.66 4.79 27.62
N ASN A 210 20.67 5.58 28.04
CA ASN A 210 19.38 5.66 27.38
C ASN A 210 19.28 6.98 26.64
N PHE A 211 18.38 7.04 25.64
CA PHE A 211 18.36 8.15 24.71
C PHE A 211 16.96 8.70 24.54
N THR A 212 16.87 10.02 24.43
CA THR A 212 15.64 10.72 24.07
C THR A 212 15.50 10.73 22.55
N THR A 213 14.31 11.11 22.08
CA THR A 213 14.09 11.24 20.64
C THR A 213 15.07 12.25 20.03
N ARG A 214 15.34 13.35 20.72
CA ARG A 214 16.28 14.34 20.21
C ARG A 214 17.68 13.75 20.05
N ASP A 215 18.09 12.90 21.00
CA ASP A 215 19.39 12.24 20.86
C ASP A 215 19.41 11.33 19.64
N ALA A 216 18.33 10.57 19.44
CA ALA A 216 18.25 9.67 18.29
C ALA A 216 18.34 10.45 16.98
N GLU A 217 17.67 11.60 16.91
CA GLU A 217 17.80 12.43 15.71
C GLU A 217 19.22 12.98 15.57
N LYS A 218 19.83 13.39 16.68
CA LYS A 218 21.19 13.94 16.62
C LYS A 218 22.18 12.92 16.07
N TYR A 219 22.02 11.65 16.42
CA TYR A 219 22.94 10.63 15.96
C TYR A 219 22.44 9.87 14.73
N GLY A 220 21.24 10.21 14.23
CA GLY A 220 20.79 9.74 12.93
C GLY A 220 20.12 8.39 12.92
N PHE A 221 19.93 7.74 14.07
CA PHE A 221 19.24 6.47 14.14
C PHE A 221 17.78 6.61 14.56
N SER A 222 17.26 7.84 14.58
CA SER A 222 15.88 8.06 14.97
C SER A 222 14.89 7.35 14.05
N LYS A 223 15.14 7.41 12.74
CA LYS A 223 14.22 6.77 11.81
C LYS A 223 14.35 5.26 11.86
N GLU A 224 15.57 4.75 12.05
CA GLU A 224 15.75 3.30 12.14
C GLU A 224 14.97 2.72 13.31
N VAL A 225 14.76 3.52 14.36
CA VAL A 225 13.94 3.06 15.47
C VAL A 225 12.53 2.74 14.99
N HIS A 226 11.94 3.64 14.21
CA HIS A 226 10.58 3.42 13.73
C HIS A 226 10.54 2.27 12.74
N GLU A 227 11.51 2.22 11.81
CA GLU A 227 11.60 1.09 10.90
C GLU A 227 11.71 -0.23 11.64
N ILE A 228 12.50 -0.24 12.73
CA ILE A 228 12.71 -1.46 13.50
C ILE A 228 11.43 -1.86 14.24
N TYR A 229 10.69 -0.88 14.77
CA TYR A 229 9.46 -1.18 15.49
C TYR A 229 8.39 -1.73 14.56
N LYS A 230 8.18 -1.09 13.41
CA LYS A 230 7.17 -1.61 12.49
C LYS A 230 7.64 -2.87 11.78
N ASN A 231 8.95 -3.09 11.67
CA ASN A 231 9.50 -4.06 10.74
C ASN A 231 9.91 -5.37 11.40
N LYS A 232 10.59 -5.33 12.54
CA LYS A 232 11.12 -6.53 13.17
C LYS A 232 10.33 -6.97 14.40
N VAL A 233 9.15 -6.41 14.62
CA VAL A 233 8.32 -6.80 15.76
C VAL A 233 7.80 -8.23 15.60
N PHE A 234 7.55 -8.67 14.37
CA PHE A 234 6.99 -10.00 14.13
C PHE A 234 7.88 -11.10 14.69
N GLU A 235 9.20 -10.98 14.48
CA GLU A 235 10.14 -11.93 15.09
C GLU A 235 10.03 -11.94 16.61
N GLY A 236 9.74 -10.78 17.21
CA GLY A 236 9.53 -10.75 18.65
C GLY A 236 8.41 -11.69 19.09
N PHE A 237 7.31 -11.71 18.34
CA PHE A 237 6.25 -12.67 18.62
C PHE A 237 6.71 -14.10 18.37
N LYS A 238 7.45 -14.34 17.28
CA LYS A 238 7.74 -15.71 16.91
C LYS A 238 8.62 -16.43 17.92
N LYS A 239 9.59 -15.72 18.51
CA LYS A 239 10.58 -16.36 19.37
C LYS A 239 10.16 -16.44 20.83
N ILE A 240 8.90 -16.15 21.14
CA ILE A 240 8.45 -16.16 22.53
C ILE A 240 8.66 -17.52 23.20
N PRO A 241 8.26 -18.65 22.60
CA PRO A 241 8.50 -19.94 23.28
C PRO A 241 9.97 -20.24 23.52
N LYS A 242 10.83 -19.94 22.55
CA LYS A 242 12.25 -20.22 22.69
C LYS A 242 12.89 -19.32 23.74
N THR A 243 12.61 -18.01 23.67
CA THR A 243 13.30 -17.06 24.54
C THR A 243 12.72 -17.03 25.94
N LEU A 244 11.40 -17.11 26.07
CA LEU A 244 10.74 -17.04 27.37
C LEU A 244 10.29 -18.40 27.88
N GLY A 245 10.92 -19.48 27.41
CA GLY A 245 10.56 -20.82 27.84
C GLY A 245 10.63 -21.02 29.34
N PHE A 246 11.46 -20.22 30.03
CA PHE A 246 11.53 -20.30 31.48
C PHE A 246 10.21 -19.96 32.15
N LEU A 247 9.31 -19.30 31.44
CA LEU A 247 7.97 -19.01 31.93
C LEU A 247 7.06 -20.23 31.88
N ASN A 248 7.60 -21.40 31.54
CA ASN A 248 6.78 -22.60 31.38
C ASN A 248 6.24 -23.13 32.70
N LYS A 249 6.70 -22.61 33.84
CA LYS A 249 6.15 -23.05 35.12
C LYS A 249 4.69 -22.66 35.26
N ILE A 250 4.34 -21.44 34.83
CA ILE A 250 2.98 -20.96 35.00
C ILE A 250 2.10 -21.22 33.77
N THR A 251 2.68 -21.32 32.58
CA THR A 251 1.91 -21.42 31.35
C THR A 251 2.62 -22.31 30.35
N ASN A 252 1.86 -22.78 29.35
CA ASN A 252 2.40 -23.55 28.24
C ASN A 252 2.44 -22.62 27.02
N LEU A 253 3.65 -22.14 26.68
CA LEU A 253 3.78 -21.16 25.61
C LEU A 253 3.57 -21.75 24.22
N ASN A 254 3.88 -23.04 24.04
CA ASN A 254 3.69 -23.65 22.72
C ASN A 254 2.24 -23.62 22.28
N GLU A 255 1.31 -23.74 23.22
CA GLU A 255 -0.12 -23.60 22.94
C GLU A 255 -0.50 -22.12 22.94
N ASN A 256 -1.02 -21.64 21.81
CA ASN A 256 -1.42 -20.25 21.70
C ASN A 256 -2.92 -20.10 21.93
N TYR A 257 -3.33 -18.91 22.38
CA TYR A 257 -4.73 -18.63 22.65
C TYR A 257 -5.55 -18.63 21.37
N GLN A 258 -6.69 -19.32 21.39
CA GLN A 258 -7.51 -19.46 20.20
C GLN A 258 -8.89 -18.86 20.46
N LEU A 259 -9.18 -17.78 19.75
CA LEU A 259 -10.50 -17.14 19.75
C LEU A 259 -11.57 -18.12 19.32
N LYS A 260 -12.59 -18.32 20.16
CA LYS A 260 -13.72 -19.12 19.70
C LYS A 260 -14.33 -18.47 18.45
N ASP A 261 -14.92 -19.30 17.60
CA ASP A 261 -15.49 -18.80 16.36
C ASP A 261 -16.64 -17.85 16.63
N GLY A 262 -16.64 -16.70 15.95
CA GLY A 262 -17.65 -15.69 16.16
C GLY A 262 -17.24 -14.60 17.13
N TYR A 263 -16.21 -14.84 17.94
CA TYR A 263 -15.79 -13.85 18.94
C TYR A 263 -15.01 -12.69 18.33
N LYS A 264 -14.53 -12.83 17.11
CA LYS A 264 -13.88 -11.74 16.39
C LYS A 264 -14.78 -11.33 15.23
N ILE A 265 -15.19 -10.07 15.21
CA ILE A 265 -16.08 -9.54 14.19
C ILE A 265 -15.50 -8.25 13.63
N PHE A 266 -15.57 -8.10 12.30
CA PHE A 266 -15.10 -6.90 11.62
C PHE A 266 -16.26 -5.93 11.45
N ILE A 267 -16.03 -4.67 11.80
CA ILE A 267 -17.05 -3.63 11.73
C ILE A 267 -16.75 -2.73 10.55
N ASN A 268 -17.73 -2.59 9.66
CA ASN A 268 -17.63 -1.75 8.48
C ASN A 268 -18.48 -0.49 8.68
N VAL A 269 -17.87 0.67 8.48
CA VAL A 269 -18.52 1.96 8.69
C VAL A 269 -18.77 2.59 7.33
N ILE A 270 -20.02 3.01 7.09
CA ILE A 270 -20.42 3.68 5.85
C ILE A 270 -20.86 5.09 6.19
N TYR A 271 -20.23 6.08 5.54
CA TYR A 271 -20.55 7.48 5.70
C TYR A 271 -21.69 7.89 4.77
N LYS A 272 -22.72 8.51 5.33
CA LYS A 272 -23.85 8.99 4.54
C LYS A 272 -23.61 10.44 4.13
N PHE A 273 -23.63 10.70 2.82
CA PHE A 273 -23.45 12.02 2.26
C PHE A 273 -24.76 12.49 1.63
N LYS A 274 -24.72 13.70 1.05
CA LYS A 274 -25.93 14.29 0.49
C LYS A 274 -26.46 13.46 -0.68
N ASN A 275 -25.62 13.20 -1.67
CA ASN A 275 -26.07 12.49 -2.86
C ASN A 275 -25.39 11.14 -3.00
N GLY A 276 -25.33 10.40 -1.92
CA GLY A 276 -24.76 9.06 -1.94
C GLY A 276 -24.14 8.72 -0.60
N GLU A 277 -23.51 7.55 -0.57
CA GLU A 277 -22.91 7.00 0.64
C GLU A 277 -21.63 6.29 0.25
N SER A 278 -20.68 6.26 1.18
CA SER A 278 -19.40 5.61 0.92
C SER A 278 -18.82 5.08 2.22
N ARG A 279 -17.80 4.23 2.06
CA ARG A 279 -17.02 3.68 3.16
C ARG A 279 -15.77 4.50 3.43
N TYR A 280 -15.46 5.47 2.59
CA TYR A 280 -14.28 6.31 2.74
C TYR A 280 -14.70 7.69 3.21
N ALA A 281 -13.90 8.29 4.09
CA ALA A 281 -14.23 9.63 4.58
C ALA A 281 -13.94 10.69 3.53
N LYS A 282 -12.79 10.59 2.85
CA LYS A 282 -12.40 11.57 1.85
C LYS A 282 -13.41 11.70 0.72
N ASP A 283 -14.25 10.68 0.50
CA ASP A 283 -15.30 10.74 -0.50
C ASP A 283 -16.30 11.84 -0.21
N VAL A 284 -16.15 12.55 0.92
CA VAL A 284 -16.94 13.77 1.14
C VAL A 284 -16.75 14.73 -0.02
N PHE A 285 -15.58 14.69 -0.66
CA PHE A 285 -15.32 15.57 -1.79
C PHE A 285 -16.12 15.16 -3.02
N LYS A 286 -16.37 13.86 -3.18
CA LYS A 286 -17.15 13.37 -4.31
C LYS A 286 -18.65 13.60 -4.11
N TYR A 287 -19.15 13.40 -2.88
CA TYR A 287 -20.58 13.42 -2.62
C TYR A 287 -21.02 14.59 -1.75
N SER A 288 -20.15 15.57 -1.50
CA SER A 288 -20.49 16.79 -0.77
C SER A 288 -20.91 16.53 0.68
N PHE A 289 -21.44 17.57 1.33
CA PHE A 289 -21.86 17.50 2.72
C PHE A 289 -23.30 17.02 2.82
N TYR A 290 -23.56 16.17 3.83
CA TYR A 290 -24.92 15.71 4.09
C TYR A 290 -25.90 16.89 4.13
N LYS A 291 -25.54 17.94 4.87
CA LYS A 291 -26.22 19.22 4.79
C LYS A 291 -25.18 20.32 4.61
N ASN A 292 -25.49 21.28 3.73
CA ASN A 292 -24.67 22.48 3.61
C ASN A 292 -25.50 23.59 2.99
N GLU A 293 -25.21 23.93 1.73
CA GLU A 293 -25.87 25.06 1.07
C GLU A 293 -25.71 26.34 1.90
N GLN A 294 -24.51 26.54 2.44
CA GLN A 294 -24.22 27.65 3.32
C GLN A 294 -23.10 28.50 2.73
N PRO A 295 -23.09 29.81 3.01
CA PRO A 295 -22.01 30.65 2.49
C PRO A 295 -20.75 30.52 3.31
N LEU A 296 -19.61 30.57 2.62
CA LEU A 296 -18.30 30.54 3.24
C LEU A 296 -17.75 31.96 3.27
N LYS A 297 -17.67 32.54 4.46
CA LYS A 297 -17.25 33.92 4.63
C LYS A 297 -16.02 33.97 5.53
N ALA A 298 -14.98 34.66 5.08
CA ALA A 298 -13.69 34.64 5.77
C ALA A 298 -12.97 35.95 5.58
N ILE A 299 -12.04 36.24 6.50
CA ILE A 299 -11.13 37.37 6.42
C ILE A 299 -9.73 36.89 6.73
N PHE A 300 -8.74 37.68 6.31
CA PHE A 300 -7.34 37.33 6.44
C PHE A 300 -6.68 38.11 7.59
N PHE A 301 -5.77 37.44 8.30
CA PHE A 301 -4.96 38.07 9.33
C PHE A 301 -3.49 37.74 9.07
N PHE A 302 -2.67 38.79 9.03
CA PHE A 302 -1.26 38.69 8.70
C PHE A 302 -0.43 39.25 9.85
N SER A 303 0.71 38.62 10.11
CA SER A 303 1.56 39.09 11.21
C SER A 303 2.12 40.48 10.92
N SER A 304 2.56 40.72 9.68
CA SER A 304 3.01 42.04 9.28
C SER A 304 2.84 42.17 7.78
N LYS A 305 3.04 43.39 7.29
CA LYS A 305 2.96 43.65 5.86
C LYS A 305 4.07 42.94 5.09
N LYS A 306 5.25 42.79 5.72
CA LYS A 306 6.36 42.11 5.07
C LYS A 306 6.02 40.66 4.78
N GLN A 307 5.42 39.97 5.75
CA GLN A 307 5.00 38.59 5.51
C GLN A 307 3.82 38.53 4.56
N PHE A 308 2.96 39.55 4.57
CA PHE A 308 1.89 39.64 3.56
C PHE A 308 2.48 39.60 2.16
N PHE A 309 3.46 40.48 1.89
CA PHE A 309 4.08 40.49 0.56
C PHE A 309 4.85 39.20 0.30
N GLU A 310 5.51 38.65 1.34
CA GLU A 310 6.33 37.46 1.14
C GLU A 310 5.48 36.26 0.74
N VAL A 311 4.33 36.07 1.40
CA VAL A 311 3.48 34.92 1.10
C VAL A 311 2.37 35.29 0.11
N GLN A 312 2.36 36.52 -0.39
CA GLN A 312 1.29 36.94 -1.28
C GLN A 312 1.34 36.22 -2.62
N LYS A 313 2.53 35.81 -3.07
CA LYS A 313 2.66 35.13 -4.35
C LYS A 313 1.85 33.84 -4.36
N SER A 314 2.21 32.88 -3.49
CA SER A 314 1.44 31.65 -3.38
C SER A 314 0.04 31.92 -2.84
N LEU A 315 -0.12 33.00 -2.07
CA LEU A 315 -1.41 33.32 -1.46
C LEU A 315 -2.48 33.64 -2.51
N LYS A 316 -2.15 34.51 -3.47
CA LYS A 316 -3.15 34.90 -4.45
C LYS A 316 -3.48 33.76 -5.40
N GLU A 317 -2.49 32.98 -5.82
CA GLU A 317 -2.76 31.86 -6.72
C GLU A 317 -3.57 30.79 -6.01
N LEU A 318 -3.30 30.56 -4.72
CA LEU A 318 -4.02 29.53 -3.99
C LEU A 318 -5.43 29.99 -3.61
N PHE A 319 -5.58 31.25 -3.21
CA PHE A 319 -6.81 31.75 -2.62
C PHE A 319 -7.61 32.72 -3.49
N HIS A 320 -6.97 33.53 -4.33
CA HIS A 320 -7.75 34.57 -4.99
C HIS A 320 -8.30 34.19 -6.36
N ASN A 321 -7.54 33.46 -7.19
CA ASN A 321 -8.06 33.05 -8.49
C ASN A 321 -9.12 31.96 -8.32
N LYS A 322 -10.21 32.07 -9.08
CA LYS A 322 -11.33 31.15 -8.90
C LYS A 322 -10.97 29.72 -9.27
N HIS A 323 -10.12 29.52 -10.28
CA HIS A 323 -9.68 28.19 -10.69
C HIS A 323 -8.77 27.52 -9.67
N SER A 324 -8.61 28.02 -8.45
CA SER A 324 -7.69 27.42 -7.50
C SER A 324 -8.36 26.30 -6.72
N VAL A 325 -7.51 25.52 -6.04
CA VAL A 325 -7.97 24.32 -5.34
C VAL A 325 -8.86 24.67 -4.15
N PHE A 326 -8.69 25.85 -3.55
CA PHE A 326 -9.53 26.22 -2.41
C PHE A 326 -10.99 26.38 -2.82
N TYR A 327 -11.25 27.17 -3.87
CA TYR A 327 -12.62 27.33 -4.34
C TYR A 327 -13.17 26.01 -4.84
N ARG A 328 -12.35 25.26 -5.58
CA ARG A 328 -12.77 23.97 -6.12
C ARG A 328 -13.22 23.03 -5.01
N ALA A 329 -12.41 22.90 -3.95
CA ALA A 329 -12.77 22.05 -2.83
C ALA A 329 -14.00 22.59 -2.11
N ALA A 330 -14.06 23.90 -1.87
CA ALA A 330 -15.21 24.48 -1.19
C ALA A 330 -16.51 24.20 -1.94
N ALA A 331 -16.48 24.28 -3.27
CA ALA A 331 -17.64 23.94 -4.06
C ALA A 331 -17.94 22.44 -4.00
N GLU A 332 -16.90 21.61 -3.99
CA GLU A 332 -17.09 20.17 -3.88
C GLU A 332 -17.77 19.79 -2.57
N LEU A 333 -17.50 20.54 -1.50
CA LEU A 333 -18.13 20.28 -0.21
C LEU A 333 -19.53 20.87 -0.09
N GLY A 334 -20.02 21.51 -1.15
CA GLY A 334 -21.39 22.00 -1.17
C GLY A 334 -21.63 23.34 -0.53
N PHE A 335 -20.62 24.20 -0.50
CA PHE A 335 -20.83 25.56 0.00
C PHE A 335 -21.61 26.39 -1.02
N SER A 336 -22.50 27.24 -0.52
CA SER A 336 -23.32 28.08 -1.39
C SER A 336 -22.45 29.00 -2.25
N LYS A 337 -21.51 29.69 -1.62
CA LYS A 337 -20.59 30.57 -2.32
C LYS A 337 -19.42 30.88 -1.41
N VAL A 338 -18.34 31.37 -2.01
CA VAL A 338 -17.15 31.78 -1.27
C VAL A 338 -17.05 33.30 -1.37
N GLU A 339 -17.04 33.97 -0.23
CA GLU A 339 -16.99 35.43 -0.17
C GLU A 339 -15.93 35.87 0.83
N PHE A 340 -15.18 36.90 0.45
CA PHE A 340 -14.14 37.48 1.30
C PHE A 340 -14.61 38.86 1.73
N LEU A 341 -14.81 39.04 3.04
CA LEU A 341 -15.36 40.29 3.53
C LEU A 341 -14.34 41.42 3.45
N ARG A 342 -14.77 42.53 2.88
CA ARG A 342 -14.00 43.77 2.81
C ARG A 342 -14.65 44.81 3.71
N ASP A 343 -13.83 45.52 4.47
CA ASP A 343 -14.32 46.58 5.34
C ASP A 343 -14.39 47.91 4.59
N SER A 344 -15.39 48.72 4.96
CA SER A 344 -15.60 50.01 4.29
C SER A 344 -14.44 50.97 4.48
N LYS A 345 -13.59 50.76 5.51
CA LYS A 345 -12.48 51.67 5.76
C LYS A 345 -11.42 51.59 4.66
N THR A 346 -11.07 50.37 4.23
CA THR A 346 -10.13 50.17 3.14
C THR A 346 -10.62 48.99 2.29
N LYS A 347 -10.50 49.11 0.97
CA LYS A 347 -10.96 48.03 0.10
C LYS A 347 -9.68 47.21 0.22
N SER A 348 -9.55 46.45 1.31
CA SER A 348 -8.45 45.51 1.51
C SER A 348 -9.17 44.57 2.47
N SER A 349 -9.23 43.29 2.11
CA SER A 349 -9.82 42.28 2.98
C SER A 349 -8.80 41.66 3.93
N ALA A 350 -7.56 42.13 3.90
CA ALA A 350 -6.51 41.63 4.77
C ALA A 350 -6.32 42.54 5.97
N PHE A 351 -6.14 41.93 7.14
CA PHE A 351 -5.99 42.65 8.40
C PHE A 351 -4.67 42.25 9.04
N LEU A 352 -4.23 43.02 10.02
CA LEU A 352 -2.91 42.83 10.62
C LEU A 352 -3.04 42.64 12.13
N TYR A 353 -2.21 41.75 12.68
CA TYR A 353 -2.12 41.55 14.12
C TYR A 353 -0.66 41.50 14.53
N ASN A 354 -0.40 41.80 15.79
CA ASN A 354 0.97 41.72 16.30
C ASN A 354 1.24 40.30 16.79
N PRO A 355 2.34 39.68 16.37
CA PRO A 355 2.58 38.28 16.78
C PRO A 355 2.81 38.09 18.27
N GLU A 356 3.42 39.06 18.95
CA GLU A 356 3.81 38.87 20.34
C GLU A 356 2.60 38.72 21.26
N GLU A 357 1.62 39.63 21.13
CA GLU A 357 0.44 39.60 21.99
C GLU A 357 -0.77 38.95 21.33
N PHE A 358 -0.72 38.72 20.02
CA PHE A 358 -1.80 38.12 19.25
C PHE A 358 -3.12 38.89 19.42
N THR A 359 -3.02 40.22 19.46
CA THR A 359 -4.19 41.08 19.55
C THR A 359 -4.23 42.04 18.36
N VAL A 360 -5.41 42.19 17.78
CA VAL A 360 -5.66 43.18 16.74
C VAL A 360 -6.23 44.44 17.37
N LYS A 361 -5.92 45.59 16.77
CA LYS A 361 -6.61 46.82 17.15
C LYS A 361 -8.10 46.65 16.90
N ASN A 362 -8.91 47.08 17.85
CA ASN A 362 -10.36 47.01 17.74
C ASN A 362 -10.89 47.95 16.68
N THR A 363 -11.40 47.39 15.58
CA THR A 363 -11.94 48.16 14.48
C THR A 363 -13.45 48.01 14.44
N GLU A 364 -14.13 49.03 13.88
CA GLU A 364 -15.58 48.99 13.74
C GLU A 364 -16.03 47.77 12.96
N PHE A 365 -15.28 47.40 11.92
CA PHE A 365 -15.68 46.28 11.08
C PHE A 365 -15.72 44.98 11.87
N ILE A 366 -14.72 44.74 12.71
CA ILE A 366 -14.68 43.49 13.47
C ILE A 366 -15.81 43.46 14.50
N ASN A 367 -16.10 44.61 15.12
CA ASN A 367 -17.13 44.67 16.15
C ASN A 367 -18.51 44.34 15.57
N GLN A 368 -18.82 44.89 14.39
CA GLN A 368 -20.11 44.66 13.75
C GLN A 368 -20.06 43.59 12.67
N ILE A 369 -19.16 42.62 12.82
CA ILE A 369 -19.06 41.55 11.85
C ILE A 369 -20.18 40.55 12.07
N GLU A 370 -20.56 39.84 11.02
CA GLU A 370 -21.53 38.76 11.16
C GLU A 370 -20.92 37.63 12.00
N ASP A 371 -21.81 36.76 12.49
CA ASP A 371 -21.43 35.81 13.53
C ASP A 371 -20.45 34.76 13.02
N ASN A 372 -20.77 34.12 11.90
CA ASN A 372 -20.01 32.96 11.43
C ASN A 372 -19.10 33.34 10.26
N VAL A 373 -17.85 33.67 10.59
CA VAL A 373 -16.81 33.98 9.62
C VAL A 373 -15.52 33.33 10.07
N MET A 374 -14.66 32.99 9.11
CA MET A 374 -13.39 32.32 9.39
C MET A 374 -12.26 33.35 9.38
N ALA A 375 -11.48 33.40 10.46
CA ALA A 375 -10.26 34.20 10.48
C ALA A 375 -9.11 33.33 10.02
N ILE A 376 -8.60 33.60 8.82
CA ILE A 376 -7.46 32.87 8.29
C ILE A 376 -6.22 33.60 8.83
N VAL A 377 -5.61 33.01 9.86
CA VAL A 377 -4.47 33.60 10.55
C VAL A 377 -3.22 32.84 10.12
N LEU A 378 -2.25 33.56 9.59
CA LEU A 378 -1.02 32.97 9.08
C LEU A 378 0.06 33.07 10.16
N LEU A 379 0.67 31.93 10.49
CA LEU A 379 1.67 31.84 11.53
C LEU A 379 3.03 31.60 10.89
N ASP A 380 4.02 32.40 11.29
CA ASP A 380 5.35 32.27 10.71
C ASP A 380 5.98 30.93 11.05
N LYS A 381 5.85 30.49 12.30
CA LYS A 381 6.45 29.23 12.73
C LYS A 381 5.59 28.66 13.84
N TYR A 382 5.86 27.42 14.22
CA TYR A 382 5.23 26.82 15.38
C TYR A 382 5.68 27.55 16.64
N ILE A 383 4.74 28.16 17.35
CA ILE A 383 5.04 28.95 18.54
C ILE A 383 4.88 28.06 19.77
N GLY A 384 5.55 28.44 20.86
CA GLY A 384 5.52 27.61 22.05
C GLY A 384 4.13 27.46 22.64
N ASN A 385 3.43 28.57 22.85
CA ASN A 385 2.11 28.56 23.47
C ASN A 385 1.11 29.24 22.56
N ILE A 386 -0.04 28.60 22.34
CA ILE A 386 -1.10 29.16 21.52
C ILE A 386 -2.28 29.64 22.35
N ASP A 387 -2.21 29.52 23.67
CA ASP A 387 -3.26 30.08 24.52
C ASP A 387 -3.45 31.58 24.32
N PRO A 388 -2.39 32.39 24.18
CA PRO A 388 -2.62 33.82 23.90
C PRO A 388 -3.47 34.06 22.67
N LEU A 389 -3.33 33.23 21.64
CA LEU A 389 -4.13 33.41 20.43
C LEU A 389 -5.61 33.16 20.73
N VAL A 390 -5.91 32.10 21.47
CA VAL A 390 -7.31 31.78 21.78
C VAL A 390 -7.92 32.88 22.65
N ARG A 391 -7.24 33.26 23.73
CA ARG A 391 -7.83 34.24 24.64
C ARG A 391 -7.91 35.62 24.00
N ASN A 392 -6.85 36.03 23.29
CA ASN A 392 -6.71 37.42 22.89
C ASN A 392 -7.50 37.76 21.62
N PHE A 393 -7.69 36.78 20.73
CA PHE A 393 -8.36 37.04 19.46
C PHE A 393 -9.83 37.38 19.71
N PRO A 394 -10.49 38.04 18.75
CA PRO A 394 -11.91 38.38 18.93
C PRO A 394 -12.77 37.17 19.25
N ASP A 395 -13.77 37.39 20.11
CA ASP A 395 -14.56 36.28 20.66
C ASP A 395 -15.54 35.71 19.65
N ASN A 396 -16.32 36.57 19.00
CA ASN A 396 -17.41 36.14 18.14
C ASN A 396 -16.96 35.76 16.73
N LEU A 397 -15.84 35.07 16.60
CA LEU A 397 -15.34 34.71 15.29
C LEU A 397 -14.69 33.32 15.39
N ILE A 398 -14.89 32.50 14.37
CA ILE A 398 -14.31 31.15 14.35
C ILE A 398 -12.90 31.22 13.78
N LEU A 399 -11.93 30.74 14.56
CA LEU A 399 -10.51 30.92 14.26
C LEU A 399 -9.95 29.75 13.46
N GLN A 400 -9.31 30.07 12.34
CA GLN A 400 -8.70 29.07 11.45
C GLN A 400 -7.24 29.44 11.15
N PRO A 401 -6.32 29.08 12.05
CA PRO A 401 -4.90 29.34 11.79
C PRO A 401 -4.30 28.36 10.80
N ILE A 402 -3.33 28.86 10.03
CA ILE A 402 -2.56 28.05 9.10
C ILE A 402 -1.10 28.49 9.17
N LEU A 403 -0.18 27.52 9.10
CA LEU A 403 1.24 27.83 9.12
C LEU A 403 1.70 28.36 7.77
N LYS A 404 2.63 29.33 7.81
CA LYS A 404 3.16 29.89 6.57
C LYS A 404 3.87 28.85 5.73
N GLU A 405 4.67 27.99 6.38
CA GLU A 405 5.42 26.98 5.65
C GLU A 405 4.48 26.04 4.89
N LYS A 406 3.32 25.72 5.49
CA LYS A 406 2.37 24.85 4.82
C LYS A 406 1.82 25.50 3.56
N LEU A 407 1.66 26.82 3.57
CA LEU A 407 1.16 27.56 2.42
C LEU A 407 2.19 27.59 1.30
N ILE A 410 2.76 23.69 -1.66
CA ILE A 410 1.51 23.29 -1.04
C ILE A 410 1.21 21.83 -1.35
N LYS A 411 0.57 21.13 -0.41
CA LYS A 411 0.05 19.79 -0.61
C LYS A 411 -1.46 19.85 -0.62
N PRO A 412 -2.12 19.33 -1.67
CA PRO A 412 -3.57 19.54 -1.81
C PRO A 412 -4.39 19.12 -0.61
N PHE A 413 -4.12 17.96 -0.03
CA PHE A 413 -4.92 17.45 1.07
C PHE A 413 -4.85 18.35 2.29
N ILE A 414 -3.80 19.16 2.43
CA ILE A 414 -3.73 20.11 3.54
C ILE A 414 -4.80 21.18 3.38
N ILE A 415 -4.89 21.78 2.20
CA ILE A 415 -5.93 22.78 1.93
C ILE A 415 -7.32 22.15 2.05
N LYS A 416 -7.49 20.95 1.48
CA LYS A 416 -8.78 20.28 1.55
C LYS A 416 -9.18 20.00 2.99
N SER A 417 -8.24 19.54 3.82
CA SER A 417 -8.51 19.31 5.24
C SER A 417 -8.85 20.62 5.94
N TYR A 418 -8.20 21.71 5.53
CA TYR A 418 -8.48 23.02 6.11
C TYR A 418 -9.93 23.43 5.85
N VAL A 419 -10.37 23.32 4.59
CA VAL A 419 -11.76 23.63 4.25
C VAL A 419 -12.71 22.71 5.00
N TYR A 420 -12.35 21.43 5.15
CA TYR A 420 -13.20 20.52 5.91
C TYR A 420 -13.34 20.97 7.34
N LYS A 421 -12.25 21.42 7.97
CA LYS A 421 -12.33 21.94 9.33
C LYS A 421 -13.28 23.13 9.40
N MET A 422 -13.15 24.08 8.46
CA MET A 422 -14.11 25.17 8.40
C MET A 422 -15.53 24.66 8.32
N GLY A 423 -15.77 23.62 7.52
CA GLY A 423 -17.11 23.05 7.43
C GLY A 423 -17.57 22.46 8.75
N ASN A 424 -16.67 21.81 9.48
CA ASN A 424 -17.03 21.22 10.75
C ASN A 424 -17.45 22.29 11.76
N PHE A 425 -16.75 23.43 11.76
CA PHE A 425 -17.04 24.45 12.77
C PHE A 425 -18.34 25.19 12.51
N ILE A 426 -18.89 25.14 11.30
CA ILE A 426 -20.19 25.75 11.06
C ILE A 426 -21.28 24.91 11.71
N PRO A 427 -22.15 25.49 12.55
CA PRO A 427 -23.18 24.67 13.20
C PRO A 427 -24.21 24.10 12.25
N GLU A 428 -24.52 24.79 11.15
CA GLU A 428 -25.57 24.34 10.25
C GLU A 428 -25.14 23.19 9.36
N CYS A 429 -23.84 23.05 9.10
CA CYS A 429 -23.33 22.00 8.23
C CYS A 429 -23.06 20.74 9.03
N LYS A 430 -23.77 19.66 8.71
CA LYS A 430 -23.38 18.33 9.14
C LYS A 430 -22.59 17.69 8.00
N PRO A 431 -21.28 17.50 8.13
CA PRO A 431 -20.52 16.89 7.03
C PRO A 431 -21.09 15.53 6.61
N PHE A 432 -21.47 14.70 7.57
CA PHE A 432 -21.99 13.38 7.29
C PHE A 432 -22.69 12.85 8.55
N ILE A 433 -23.46 11.80 8.37
CA ILE A 433 -24.01 11.01 9.47
C ILE A 433 -23.68 9.56 9.18
N LEU A 434 -23.47 8.79 10.24
CA LEU A 434 -23.14 7.38 10.06
C LEU A 434 -24.40 6.60 9.70
N LYS A 435 -24.30 5.80 8.64
CA LYS A 435 -25.44 5.03 8.16
C LYS A 435 -26.06 4.18 9.27
N LYS A 436 -25.22 3.59 10.10
CA LYS A 436 -25.71 2.75 11.19
C LYS A 436 -26.18 3.57 12.39
N MET A 437 -25.69 4.80 12.55
CA MET A 437 -26.10 5.69 13.63
C MET A 437 -27.35 6.49 13.30
N GLU A 438 -27.97 6.28 12.13
CA GLU A 438 -29.06 7.15 11.70
C GLU A 438 -30.27 7.04 12.62
N ASP A 439 -30.60 5.82 13.05
CA ASP A 439 -31.76 5.61 13.92
C ASP A 439 -31.46 5.85 15.39
N LYS A 440 -30.25 6.26 15.75
CA LYS A 440 -29.88 6.51 17.15
C LYS A 440 -30.16 7.89 17.72
N GLU A 441 -30.99 8.68 17.06
CA GLU A 441 -31.40 9.96 17.62
C GLU A 441 -31.89 10.01 19.06
N LYS A 442 -32.47 8.90 19.52
CA LYS A 442 -32.97 8.80 20.89
C LYS A 442 -31.87 8.78 21.93
N ASN A 443 -30.71 8.21 21.58
CA ASN A 443 -29.64 7.98 22.56
C ASN A 443 -28.77 9.22 22.76
N LEU A 444 -28.35 9.44 24.00
CA LEU A 444 -27.44 10.52 24.36
C LEU A 444 -26.12 9.92 24.84
N TYR A 445 -25.01 10.33 24.23
CA TYR A 445 -23.71 9.72 24.50
C TYR A 445 -22.83 10.69 25.26
N ILE A 446 -22.46 10.36 26.50
CA ILE A 446 -21.64 11.24 27.32
C ILE A 446 -20.37 10.50 27.75
N GLY A 447 -19.26 11.22 27.76
CA GLY A 447 -18.00 10.69 28.25
C GLY A 447 -17.52 11.42 29.48
N ILE A 448 -16.95 10.67 30.42
CA ILE A 448 -16.48 11.19 31.71
C ILE A 448 -14.97 10.92 31.78
N ASP A 449 -14.21 11.97 32.08
CA ASP A 449 -12.77 11.88 32.29
C ASP A 449 -12.37 12.63 33.55
N LEU A 450 -11.50 12.02 34.34
CA LEU A 450 -10.94 12.62 35.54
C LEU A 450 -9.43 12.77 35.32
N SER A 451 -8.94 13.99 35.45
CA SER A 451 -7.49 14.24 35.37
C SER A 451 -7.01 14.76 36.71
N HIS A 452 -5.92 14.17 37.20
CA HIS A 452 -5.41 14.43 38.53
C HIS A 452 -4.30 15.47 38.50
N ASP A 453 -3.97 15.99 39.68
CA ASP A 453 -2.88 16.95 39.86
C ASP A 453 -3.08 18.20 38.99
N ARG A 457 -3.11 17.07 44.67
CA ARG A 457 -3.98 16.23 45.47
C ARG A 457 -5.43 16.57 45.13
N LYS A 458 -5.60 17.59 44.28
CA LYS A 458 -6.90 18.00 43.76
C LYS A 458 -7.11 17.36 42.39
N THR A 459 -8.34 16.91 42.14
CA THR A 459 -8.69 16.21 40.91
C THR A 459 -9.80 16.95 40.18
N ASN A 460 -9.64 17.10 38.87
CA ASN A 460 -10.57 17.85 38.03
C ASN A 460 -11.36 16.89 37.13
N LEU A 461 -12.64 17.21 36.92
CA LEU A 461 -13.59 16.35 36.24
C LEU A 461 -14.17 17.05 35.01
N CYS A 462 -14.29 16.30 33.91
CA CYS A 462 -14.86 16.84 32.68
C CYS A 462 -15.72 15.79 31.99
N ILE A 463 -16.86 16.24 31.45
CA ILE A 463 -17.79 15.36 30.75
C ILE A 463 -18.20 16.03 29.45
N ALA A 464 -18.68 15.22 28.50
CA ALA A 464 -19.14 15.71 27.21
C ALA A 464 -20.32 14.89 26.71
N ALA A 465 -21.24 15.56 26.02
CA ALA A 465 -22.45 14.91 25.50
C ALA A 465 -22.59 15.19 24.01
N VAL A 466 -22.83 14.13 23.24
CA VAL A 466 -23.04 14.22 21.80
C VAL A 466 -24.22 13.35 21.41
N ASP A 467 -24.79 13.65 20.24
CA ASP A 467 -25.86 12.89 19.64
C ASP A 467 -25.32 12.04 18.49
N ASN A 468 -26.23 11.41 17.75
CA ASN A 468 -25.82 10.47 16.70
C ASN A 468 -25.06 11.18 15.58
N THR A 469 -25.51 12.38 15.20
CA THR A 469 -24.86 13.09 14.09
C THR A 469 -23.41 13.43 14.42
N GLY A 470 -23.12 13.73 15.68
CA GLY A 470 -21.82 14.20 16.09
C GLY A 470 -21.83 15.59 16.71
N ASP A 471 -22.97 16.27 16.75
CA ASP A 471 -23.04 17.58 17.36
C ASP A 471 -22.79 17.49 18.85
N ILE A 472 -22.03 18.46 19.37
CA ILE A 472 -21.68 18.51 20.79
C ILE A 472 -22.78 19.26 21.53
N LEU A 473 -23.57 18.53 22.34
CA LEU A 473 -24.67 19.15 23.07
C LEU A 473 -24.16 19.94 24.27
N TYR A 474 -23.19 19.41 25.01
CA TYR A 474 -22.73 20.09 26.21
C TYR A 474 -21.34 19.58 26.59
N ILE A 475 -20.56 20.47 27.20
CA ILE A 475 -19.23 20.16 27.72
C ILE A 475 -19.10 20.78 29.10
N GLY A 476 -18.63 19.99 30.07
CA GLY A 476 -18.49 20.48 31.43
C GLY A 476 -17.14 20.19 32.06
N LYS A 477 -16.45 21.25 32.50
CA LYS A 477 -15.13 21.12 33.12
C LYS A 477 -15.14 21.76 34.50
N HIS A 478 -14.63 21.04 35.48
CA HIS A 478 -14.51 21.48 36.87
C HIS A 478 -13.09 21.21 37.35
N LYS A 479 -12.48 22.22 37.98
CA LYS A 479 -11.12 22.11 38.52
C LYS A 479 -11.15 22.20 40.04
N ASN A 480 -12.15 21.56 40.65
CA ASN A 480 -12.34 21.54 42.09
C ASN A 480 -11.40 20.53 42.75
N LEU A 481 -11.35 20.57 44.08
CA LEU A 481 -10.47 19.67 44.82
C LEU A 481 -11.14 18.32 45.03
N GLU A 482 -10.32 17.33 45.39
CA GLU A 482 -10.82 15.99 45.65
C GLU A 482 -11.81 16.01 46.82
N GLU A 485 -16.13 11.80 47.53
CA GLU A 485 -17.11 10.76 47.23
C GLU A 485 -18.48 11.36 46.89
N LYS A 486 -19.27 11.62 47.93
CA LYS A 486 -20.63 12.10 47.70
C LYS A 486 -20.67 13.49 47.08
N MET A 487 -19.66 14.33 47.38
CA MET A 487 -19.64 15.66 46.79
C MET A 487 -19.31 15.60 45.30
N ASN A 488 -18.36 14.75 44.91
CA ASN A 488 -18.05 14.61 43.50
C ASN A 488 -19.20 13.98 42.73
N LEU A 489 -19.98 13.11 43.38
CA LEU A 489 -21.16 12.55 42.76
C LEU A 489 -22.31 13.56 42.71
N ASP A 490 -22.33 14.52 43.62
CA ASP A 490 -23.25 15.65 43.48
C ASP A 490 -22.88 16.49 42.27
N ILE A 491 -21.59 16.81 42.13
CA ILE A 491 -21.14 17.54 40.95
C ILE A 491 -21.46 16.77 39.68
N LEU A 492 -21.24 15.45 39.70
CA LEU A 492 -21.53 14.63 38.54
C LEU A 492 -23.03 14.59 38.23
N GLU A 493 -23.87 14.57 39.27
CA GLU A 493 -25.30 14.58 39.02
C GLU A 493 -25.75 15.92 38.45
N LYS A 494 -25.16 17.02 38.92
CA LYS A 494 -25.55 18.33 38.38
C LYS A 494 -25.10 18.48 36.93
N GLU A 495 -23.90 17.99 36.61
CA GLU A 495 -23.41 18.05 35.24
C GLU A 495 -24.23 17.15 34.32
N TYR A 496 -24.52 15.92 34.78
CA TYR A 496 -25.37 15.02 34.03
C TYR A 496 -26.75 15.63 33.78
N ILE A 497 -27.33 16.26 34.80
CA ILE A 497 -28.61 16.92 34.63
C ILE A 497 -28.50 18.03 33.60
N LYS A 498 -27.40 18.80 33.64
CA LYS A 498 -27.23 19.89 32.68
C LYS A 498 -27.16 19.37 31.26
N ALA A 499 -26.40 18.29 31.02
CA ALA A 499 -26.34 17.70 29.70
C ALA A 499 -27.70 17.16 29.27
N PHE A 500 -28.41 16.50 30.19
CA PHE A 500 -29.78 16.05 29.94
C PHE A 500 -30.65 17.20 29.44
N GLU A 501 -30.60 18.34 30.16
CA GLU A 501 -31.37 19.51 29.78
C GLU A 501 -30.95 20.05 28.42
N LYS A 502 -29.66 19.94 28.10
CA LYS A 502 -29.22 20.39 26.78
C LYS A 502 -29.78 19.47 25.68
N TYR A 503 -29.83 18.17 25.93
CA TYR A 503 -30.45 17.27 24.95
C TYR A 503 -31.92 17.59 24.75
N ILE A 504 -32.67 17.70 25.85
CA ILE A 504 -34.10 18.00 25.71
C ILE A 504 -34.28 19.36 25.04
N GLU A 505 -33.36 20.29 25.29
CA GLU A 505 -33.39 21.57 24.59
C GLU A 505 -33.22 21.38 23.09
N LYS A 506 -32.31 20.50 22.69
CA LYS A 506 -32.01 20.33 21.27
C LYS A 506 -33.14 19.58 20.53
N PHE A 507 -33.72 18.56 21.16
CA PHE A 507 -34.67 17.70 20.48
C PHE A 507 -36.09 17.77 21.02
N ASN A 508 -36.31 18.49 22.14
CA ASN A 508 -37.63 18.61 22.77
C ASN A 508 -38.17 17.26 23.23
N VAL A 509 -37.27 16.31 23.51
CA VAL A 509 -37.64 15.02 24.08
C VAL A 509 -36.63 14.63 25.13
N SER A 510 -37.08 13.89 26.14
CA SER A 510 -36.10 13.25 27.01
C SER A 510 -35.53 12.03 26.30
N PRO A 511 -34.23 11.81 26.37
CA PRO A 511 -33.64 10.65 25.68
C PRO A 511 -34.06 9.36 26.38
N GLU A 512 -34.52 8.38 25.59
CA GLU A 512 -34.93 7.12 26.19
C GLU A 512 -33.72 6.29 26.60
N ASN A 513 -32.59 6.43 25.91
CA ASN A 513 -31.38 5.69 26.23
C ASN A 513 -30.22 6.65 26.41
N VAL A 514 -29.48 6.48 27.50
CA VAL A 514 -28.29 7.27 27.81
C VAL A 514 -27.10 6.33 27.92
N PHE A 515 -26.02 6.70 27.25
CA PHE A 515 -24.77 5.96 27.23
C PHE A 515 -23.75 6.73 28.06
N ILE A 516 -23.19 6.06 29.05
CA ILE A 516 -22.21 6.65 29.98
C ILE A 516 -20.89 5.95 29.69
N LEU A 517 -19.93 6.66 29.11
CA LEU A 517 -18.63 6.08 28.83
C LEU A 517 -17.60 6.79 29.69
N ARG A 518 -16.91 6.05 30.55
CA ARG A 518 -15.92 6.63 31.45
C ARG A 518 -14.53 6.12 31.11
N ALA A 519 -13.56 7.03 31.09
CA ALA A 519 -12.17 6.63 30.92
C ALA A 519 -11.67 5.93 32.18
N GLY A 520 -11.19 4.70 32.02
CA GLY A 520 -10.71 3.91 33.13
C GLY A 520 -11.82 3.13 33.82
N ARG A 521 -11.52 2.71 35.05
CA ARG A 521 -12.45 1.94 35.86
C ARG A 521 -13.28 2.86 36.75
N PHE A 522 -14.46 2.36 37.13
CA PHE A 522 -15.37 3.06 38.02
C PHE A 522 -14.93 2.86 39.47
N ILE A 523 -14.06 3.76 39.94
CA ILE A 523 -13.70 3.76 41.35
C ILE A 523 -14.77 4.44 42.17
N GLU A 524 -15.62 5.24 41.53
CA GLU A 524 -16.67 5.97 42.19
C GLU A 524 -17.86 5.06 42.49
N ASP A 525 -18.78 5.53 43.33
CA ASP A 525 -19.92 4.72 43.73
C ASP A 525 -20.83 4.47 42.53
N ILE A 526 -21.26 3.22 42.36
CA ILE A 526 -22.06 2.84 41.20
C ILE A 526 -23.54 3.00 41.47
N GLU A 527 -24.01 2.48 42.62
CA GLU A 527 -25.45 2.41 42.89
C GLU A 527 -26.09 3.79 42.89
N ILE A 528 -25.37 4.82 43.33
CA ILE A 528 -25.89 6.17 43.26
C ILE A 528 -26.09 6.60 41.81
N ILE A 529 -25.07 6.36 40.97
CA ILE A 529 -25.12 6.78 39.57
C ILE A 529 -26.27 6.10 38.85
N LYS A 530 -26.31 4.77 38.90
CA LYS A 530 -27.42 4.05 38.27
C LYS A 530 -28.76 4.47 38.86
N ASN A 531 -28.79 4.79 40.15
CA ASN A 531 -30.05 5.19 40.78
C ASN A 531 -30.57 6.50 40.19
N PHE A 532 -29.77 7.56 40.25
CA PHE A 532 -30.29 8.87 39.85
C PHE A 532 -30.45 8.96 38.34
N ILE A 533 -29.64 8.23 37.56
CA ILE A 533 -29.90 8.18 36.13
C ILE A 533 -31.14 7.35 35.82
N SER A 534 -31.38 6.30 36.60
CA SER A 534 -32.41 5.33 36.26
C SER A 534 -33.82 5.78 36.66
N TYR A 535 -33.98 6.41 37.82
CA TYR A 535 -35.34 6.69 38.28
C TYR A 535 -36.02 7.85 37.55
N ASN A 536 -35.45 8.33 36.45
CA ASN A 536 -36.20 9.08 35.46
C ASN A 536 -36.73 8.17 34.35
N ASP A 537 -36.84 6.86 34.62
CA ASP A 537 -37.33 5.87 33.67
C ASP A 537 -36.61 5.96 32.33
N THR A 538 -35.34 6.38 32.37
CA THR A 538 -34.49 6.43 31.18
C THR A 538 -33.55 5.24 31.23
N LYS A 539 -33.55 4.44 30.18
CA LYS A 539 -32.63 3.31 30.11
C LYS A 539 -31.20 3.83 30.06
N TYR A 540 -30.30 3.16 30.76
CA TYR A 540 -28.93 3.63 30.89
C TYR A 540 -27.96 2.48 30.64
N THR A 541 -26.75 2.83 30.22
CA THR A 541 -25.67 1.85 30.17
C THR A 541 -24.38 2.47 30.68
N LEU A 542 -23.70 1.76 31.57
CA LEU A 542 -22.44 2.20 32.16
C LEU A 542 -21.31 1.41 31.50
N VAL A 543 -20.36 2.13 30.90
CA VAL A 543 -19.32 1.55 30.07
C VAL A 543 -17.96 2.05 30.54
N GLU A 544 -17.00 1.13 30.64
CA GLU A 544 -15.63 1.43 31.04
C GLU A 544 -14.76 1.29 29.80
N VAL A 545 -14.04 2.36 29.46
CA VAL A 545 -13.18 2.38 28.28
C VAL A 545 -11.75 2.66 28.76
N ASN A 546 -10.83 1.78 28.40
CA ASN A 546 -9.42 1.93 28.77
C ASN A 546 -8.56 1.78 27.52
N LYS A 547 -7.79 2.80 27.20
CA LYS A 547 -6.92 2.77 26.04
C LYS A 547 -5.57 2.13 26.34
N ASN A 548 -5.29 1.82 27.61
CA ASN A 548 -4.06 1.16 28.01
C ASN A 548 -4.35 -0.33 28.13
N THR A 549 -4.20 -1.06 27.03
CA THR A 549 -4.35 -2.51 27.02
C THR A 549 -3.11 -3.14 26.40
N ASN A 550 -2.76 -4.32 26.89
CA ASN A 550 -1.56 -5.02 26.46
C ASN A 550 -1.83 -6.13 25.45
N ILE A 551 -3.09 -6.39 25.13
CA ILE A 551 -3.45 -7.49 24.24
C ILE A 551 -3.30 -7.04 22.79
N ASN A 552 -2.52 -7.79 22.02
CA ASN A 552 -2.22 -7.47 20.63
C ASN A 552 -1.84 -8.76 19.92
N SER A 553 -1.42 -8.62 18.66
CA SER A 553 -1.01 -9.79 17.88
C SER A 553 -0.17 -9.33 16.70
N TYR A 554 0.55 -10.28 16.11
CA TYR A 554 1.24 -10.00 14.85
C TYR A 554 0.27 -9.93 13.68
N ASP A 555 -0.87 -10.60 13.79
CA ASP A 555 -1.93 -10.45 12.79
C ASP A 555 -2.48 -9.03 12.81
N ASP A 556 -2.91 -8.56 11.65
CA ASP A 556 -3.53 -7.24 11.57
C ASP A 556 -4.94 -7.28 12.15
N LEU A 557 -5.19 -6.47 13.17
CA LEU A 557 -6.49 -6.43 13.83
C LEU A 557 -7.19 -5.08 13.66
N LYS A 558 -6.71 -4.22 12.78
CA LYS A 558 -7.31 -2.90 12.60
C LYS A 558 -8.73 -3.03 12.07
N GLU A 559 -9.64 -2.23 12.61
CA GLU A 559 -11.07 -2.26 12.29
C GLU A 559 -11.71 -3.58 12.70
N TRP A 560 -11.18 -4.22 13.74
CA TRP A 560 -11.71 -5.47 14.24
C TRP A 560 -12.08 -5.32 15.72
N ILE A 561 -13.09 -6.08 16.12
CA ILE A 561 -13.55 -6.14 17.50
C ILE A 561 -13.44 -7.58 17.97
N ILE A 562 -12.75 -7.77 19.09
CA ILE A 562 -12.50 -9.08 19.68
C ILE A 562 -13.27 -9.19 20.99
N LYS A 563 -13.93 -10.34 21.19
CA LYS A 563 -14.70 -10.60 22.39
C LYS A 563 -13.85 -11.47 23.32
N LEU A 564 -13.31 -10.87 24.37
CA LEU A 564 -12.57 -11.66 25.36
C LEU A 564 -13.54 -12.51 26.18
N ASP A 565 -14.54 -11.88 26.78
CA ASP A 565 -15.61 -12.53 27.51
C ASP A 565 -16.89 -11.77 27.19
N GLU A 566 -18.04 -12.29 27.63
CA GLU A 566 -19.31 -11.66 27.29
C GLU A 566 -19.36 -10.21 27.74
N ASN A 567 -18.66 -9.88 28.83
CA ASN A 567 -18.70 -8.52 29.35
C ASN A 567 -17.61 -7.62 28.78
N THR A 568 -16.50 -8.19 28.34
CA THR A 568 -15.32 -7.43 27.94
C THR A 568 -15.02 -7.62 26.45
N TYR A 569 -14.80 -6.52 25.75
CA TYR A 569 -14.41 -6.52 24.34
C TYR A 569 -13.19 -5.63 24.17
N ILE A 570 -12.50 -5.79 23.04
CA ILE A 570 -11.38 -4.94 22.67
C ILE A 570 -11.47 -4.65 21.18
N TYR A 571 -11.46 -3.37 20.81
CA TYR A 571 -11.52 -2.95 19.42
C TYR A 571 -10.22 -2.27 19.03
N TYR A 572 -9.80 -2.48 17.78
CA TYR A 572 -8.58 -1.83 17.29
C TYR A 572 -8.92 -0.79 16.23
N PRO A 573 -8.75 0.50 16.51
CA PRO A 573 -9.08 1.52 15.52
C PRO A 573 -8.09 1.55 14.37
N LYS A 574 -8.58 1.93 13.20
CA LYS A 574 -7.74 1.98 12.02
C LYS A 574 -6.80 3.17 12.10
N THR A 575 -5.50 2.90 12.03
CA THR A 575 -4.50 3.96 12.04
C THR A 575 -3.33 3.51 11.19
N PHE A 576 -2.57 4.50 10.70
CA PHE A 576 -1.40 4.21 9.88
C PHE A 576 -0.31 3.51 10.67
N LEU A 577 -0.23 3.78 11.96
CA LEU A 577 0.86 3.28 12.79
C LEU A 577 0.54 1.90 13.37
N ASN A 578 1.45 1.40 14.21
CA ASN A 578 1.29 0.10 14.83
C ASN A 578 -0.03 0.05 15.60
N GLN A 579 -0.79 -1.03 15.38
CA GLN A 579 -2.11 -1.15 15.97
C GLN A 579 -2.01 -1.25 17.49
N LYS A 580 -2.86 -0.50 18.18
CA LYS A 580 -2.97 -0.57 19.63
C LYS A 580 -4.44 -0.64 19.98
N GLY A 581 -4.81 -1.64 20.80
CA GLY A 581 -6.20 -1.85 21.11
C GLY A 581 -6.74 -0.89 22.14
N VAL A 582 -8.06 -0.85 22.22
CA VAL A 582 -8.80 -0.13 23.24
C VAL A 582 -9.83 -1.09 23.81
N GLU A 583 -9.90 -1.19 25.14
CA GLU A 583 -10.76 -2.17 25.79
C GLU A 583 -12.04 -1.49 26.25
N VAL A 584 -13.17 -2.05 25.83
CA VAL A 584 -14.50 -1.55 26.16
C VAL A 584 -15.23 -2.62 26.96
N LYS A 585 -15.79 -2.22 28.09
CA LYS A 585 -16.45 -3.14 29.01
C LYS A 585 -17.81 -2.59 29.38
N ILE A 586 -18.87 -3.38 29.16
CA ILE A 586 -20.22 -2.97 29.50
C ILE A 586 -20.44 -3.39 30.95
N LEU A 587 -20.26 -2.44 31.87
CA LEU A 587 -20.41 -2.76 33.29
C LEU A 587 -21.83 -3.17 33.61
N GLU A 588 -22.80 -2.34 33.21
CA GLU A 588 -24.20 -2.63 33.48
C GLU A 588 -25.04 -2.09 32.34
N ASN A 589 -26.13 -2.78 32.04
CA ASN A 589 -27.01 -2.40 30.95
C ASN A 589 -28.44 -2.81 31.25
N ASN A 590 -29.35 -1.83 31.21
CA ASN A 590 -30.78 -2.10 31.22
C ASN A 590 -31.48 -1.60 29.97
N THR A 591 -30.74 -1.17 28.96
CA THR A 591 -31.35 -0.63 27.76
C THR A 591 -31.81 -1.76 26.84
N ASP A 592 -32.55 -1.38 25.80
CA ASP A 592 -33.08 -2.36 24.86
C ASP A 592 -32.01 -2.95 23.95
N TYR A 593 -30.88 -2.27 23.81
CA TYR A 593 -29.80 -2.76 22.96
C TYR A 593 -29.11 -3.96 23.59
N THR A 594 -28.65 -4.87 22.73
CA THR A 594 -27.84 -5.99 23.19
C THR A 594 -26.40 -5.54 23.38
N ILE A 595 -25.61 -6.37 24.07
CA ILE A 595 -24.23 -6.03 24.38
C ILE A 595 -23.42 -5.84 23.10
N GLU A 596 -23.62 -6.73 22.12
CA GLU A 596 -22.91 -6.62 20.85
C GLU A 596 -23.24 -5.30 20.14
N GLU A 597 -24.53 -4.94 20.14
CA GLU A 597 -24.94 -3.68 19.53
C GLU A 597 -24.32 -2.48 20.24
N ILE A 598 -24.29 -2.51 21.58
CA ILE A 598 -23.68 -1.41 22.32
C ILE A 598 -22.19 -1.28 21.98
N ILE A 599 -21.47 -2.40 21.98
CA ILE A 599 -20.05 -2.36 21.63
C ILE A 599 -19.88 -1.76 20.24
N GLU A 600 -20.72 -2.19 19.29
CA GLU A 600 -20.65 -1.63 17.94
C GLU A 600 -20.88 -0.12 17.95
N GLN A 601 -21.82 0.36 18.78
CA GLN A 601 -22.06 1.80 18.88
C GLN A 601 -20.84 2.53 19.43
N ILE A 602 -20.18 1.96 20.44
CA ILE A 602 -18.95 2.56 20.96
C ILE A 602 -17.91 2.67 19.85
N TYR A 603 -17.79 1.62 19.02
CA TYR A 603 -16.86 1.72 17.89
C TYR A 603 -17.28 2.82 16.93
N LEU A 604 -18.59 2.98 16.70
CA LEU A 604 -19.09 4.00 15.78
C LEU A 604 -18.80 5.41 16.30
N LEU A 605 -18.83 5.61 17.61
CA LEU A 605 -18.61 6.94 18.17
C LEU A 605 -17.23 7.48 17.81
N THR A 606 -16.26 6.60 17.54
CA THR A 606 -14.97 7.07 17.05
C THR A 606 -15.08 7.67 15.66
N ARG A 607 -16.08 7.25 14.88
CA ARG A 607 -16.24 7.65 13.50
C ARG A 607 -17.31 8.72 13.30
N VAL A 608 -18.09 9.05 14.33
CA VAL A 608 -19.16 10.03 14.16
C VAL A 608 -18.62 11.38 13.69
N ALA A 609 -17.39 11.72 14.06
CA ALA A 609 -16.76 12.97 13.66
C ALA A 609 -15.34 12.72 13.18
N HIS A 610 -14.88 13.58 12.27
CA HIS A 610 -13.52 13.51 11.73
C HIS A 610 -12.85 14.87 11.88
N SER A 611 -11.64 14.88 12.44
CA SER A 611 -10.84 16.10 12.42
C SER A 611 -10.48 16.47 10.98
N THR A 612 -10.05 15.50 10.20
CA THR A 612 -9.77 15.61 8.78
C THR A 612 -10.32 14.36 8.12
N PRO A 613 -10.63 14.42 6.82
CA PRO A 613 -11.12 13.21 6.14
C PRO A 613 -10.13 12.06 6.13
N TYR A 614 -8.84 12.36 6.28
CA TYR A 614 -7.78 11.36 6.13
C TYR A 614 -7.31 10.73 7.44
N THR A 615 -7.68 11.29 8.59
CA THR A 615 -7.26 10.75 9.87
C THR A 615 -8.47 10.32 10.70
N ASN A 616 -8.22 9.44 11.66
CA ASN A 616 -9.27 8.79 12.44
C ASN A 616 -9.03 8.99 13.93
N TYR A 617 -10.11 9.05 14.69
CA TYR A 617 -10.02 9.11 16.14
C TYR A 617 -9.87 7.71 16.73
N LYS A 618 -9.15 7.64 17.85
CA LYS A 618 -8.93 6.38 18.54
C LYS A 618 -9.96 6.10 19.63
N LEU A 619 -10.54 7.14 20.21
CA LEU A 619 -11.53 7.00 21.26
C LEU A 619 -12.91 7.43 20.75
N PRO A 620 -13.98 6.99 21.42
CA PRO A 620 -15.30 7.53 21.10
C PRO A 620 -15.30 9.05 21.27
N TYR A 621 -16.06 9.72 20.40
CA TYR A 621 -16.04 11.18 20.39
C TYR A 621 -16.38 11.82 21.74
N PRO A 622 -17.39 11.38 22.49
CA PRO A 622 -17.61 11.97 23.83
C PRO A 622 -16.37 11.89 24.71
N LEU A 623 -15.74 10.72 24.77
CA LEU A 623 -14.56 10.54 25.61
C LEU A 623 -13.38 11.36 25.07
N HIS A 624 -13.18 11.37 23.76
CA HIS A 624 -12.09 12.14 23.16
C HIS A 624 -12.22 13.62 23.50
N ILE A 625 -13.43 14.16 23.38
CA ILE A 625 -13.67 15.56 23.74
C ILE A 625 -13.42 15.79 25.22
N ALA A 626 -13.96 14.89 26.06
CA ALA A 626 -13.79 15.06 27.51
C ALA A 626 -12.31 15.08 27.90
N ASN A 627 -11.52 14.19 27.31
CA ASN A 627 -10.09 14.15 27.61
C ASN A 627 -9.37 15.38 27.10
N LYS A 628 -9.66 15.77 25.84
CA LYS A 628 -8.98 16.93 25.27
C LYS A 628 -9.28 18.19 26.08
N VAL A 629 -10.52 18.34 26.54
CA VAL A 629 -10.87 19.48 27.37
C VAL A 629 -10.18 19.38 28.74
N ALA A 630 -10.11 18.17 29.29
CA ALA A 630 -9.47 18.00 30.60
C ALA A 630 -7.98 18.32 30.56
N LEU A 631 -7.32 18.10 29.41
CA LEU A 631 -5.87 18.30 29.36
C LEU A 631 -5.51 19.79 29.34
N THR A 632 -6.20 20.57 28.52
CA THR A 632 -5.84 21.98 28.33
C THR A 632 -7.04 22.86 28.61
N ASP A 633 -6.75 24.08 29.09
CA ASP A 633 -7.80 25.04 29.40
C ASP A 633 -8.30 25.79 28.17
N TYR A 634 -7.38 26.22 27.28
CA TYR A 634 -7.76 27.04 26.14
C TYR A 634 -7.35 26.47 24.79
N GLU A 635 -6.45 25.48 24.74
CA GLU A 635 -6.04 24.91 23.46
C GLU A 635 -7.19 24.15 22.79
N TRP A 636 -7.99 23.43 23.60
CA TRP A 636 -9.04 22.58 23.05
C TRP A 636 -10.05 23.37 22.23
N LYS A 637 -10.21 24.67 22.52
CA LYS A 637 -11.16 25.49 21.78
C LYS A 637 -10.84 25.54 20.29
N LEU A 638 -9.55 25.38 19.93
CA LEU A 638 -9.16 25.44 18.52
C LEU A 638 -9.64 24.22 17.74
N TYR A 639 -9.62 23.05 18.36
CA TYR A 639 -9.86 21.79 17.65
C TYR A 639 -11.26 21.22 17.83
N ILE A 640 -12.07 21.77 18.74
CA ILE A 640 -13.39 21.23 19.00
C ILE A 640 -14.44 22.34 18.86
N PRO A 641 -15.46 22.14 18.03
CA PRO A 641 -16.49 23.20 17.85
C PRO A 641 -17.54 23.12 18.94
N TYR A 642 -17.55 24.11 19.82
CA TYR A 642 -18.52 24.16 20.91
C TYR A 642 -18.63 25.57 21.49
N ALA D 4 12.71 3.32 -3.44
CA ALA D 4 13.62 2.18 -3.50
C ALA D 4 12.92 0.90 -3.09
N TYR D 5 11.59 0.90 -3.16
CA TYR D 5 10.80 -0.28 -2.86
C TYR D 5 10.66 -1.13 -4.12
N LEU D 6 10.58 -2.44 -3.91
CA LEU D 6 10.26 -3.39 -4.97
C LEU D 6 9.27 -4.39 -4.40
N ASN D 7 8.28 -4.80 -5.22
CA ASN D 7 7.21 -5.65 -4.73
C ASN D 7 7.67 -7.10 -4.66
N LEU D 8 8.76 -7.30 -3.93
CA LEU D 8 9.37 -8.61 -3.73
C LEU D 8 9.50 -8.84 -2.23
N TYR D 9 9.16 -10.04 -1.78
CA TYR D 9 9.24 -10.41 -0.38
C TYR D 9 9.92 -11.76 -0.27
N LYS D 10 11.06 -11.81 0.42
CA LYS D 10 11.83 -13.04 0.50
C LYS D 10 11.06 -14.10 1.28
N ILE D 11 11.09 -15.33 0.77
CA ILE D 11 10.31 -16.44 1.30
C ILE D 11 11.17 -17.12 2.37
N ASP D 12 10.84 -16.86 3.63
CA ASP D 12 11.66 -17.28 4.77
C ASP D 12 11.14 -18.60 5.35
N ILE D 13 11.23 -19.65 4.55
CA ILE D 13 10.86 -20.98 5.01
C ILE D 13 11.94 -21.98 4.61
N PRO D 14 12.02 -23.12 5.28
CA PRO D 14 13.01 -24.14 4.90
C PRO D 14 12.84 -24.62 3.48
N LYS D 15 13.96 -24.76 2.77
CA LYS D 15 13.99 -25.18 1.37
C LYS D 15 13.89 -26.70 1.26
N LYS D 16 12.70 -27.23 1.59
CA LYS D 16 12.45 -28.65 1.43
C LYS D 16 10.95 -28.91 1.34
N ILE D 17 10.60 -30.01 0.68
CA ILE D 17 9.23 -30.45 0.53
C ILE D 17 9.08 -31.80 1.23
N LYS D 18 7.97 -31.98 1.93
CA LYS D 18 7.70 -33.16 2.73
C LYS D 18 6.48 -33.87 2.15
N ARG D 19 6.58 -35.19 1.97
CA ARG D 19 5.46 -36.00 1.51
C ARG D 19 5.00 -36.91 2.63
N LEU D 20 3.69 -36.86 2.92
CA LEU D 20 3.07 -37.58 4.03
C LEU D 20 1.97 -38.50 3.50
N TYR D 21 1.79 -39.64 4.18
CA TYR D 21 0.81 -40.64 3.80
C TYR D 21 -0.20 -40.88 4.92
N PHE D 22 -1.47 -41.02 4.53
CA PHE D 22 -2.60 -41.30 5.40
C PHE D 22 -3.34 -42.52 4.89
N TYR D 23 -3.74 -43.39 5.81
CA TYR D 23 -4.54 -44.57 5.51
C TYR D 23 -5.78 -44.60 6.39
N ASN D 24 -6.95 -44.55 5.77
CA ASN D 24 -8.23 -44.61 6.48
C ASN D 24 -8.92 -45.92 6.11
N PRO D 25 -9.05 -46.88 7.01
CA PRO D 25 -9.67 -48.16 6.63
C PRO D 25 -11.17 -48.09 6.44
N ASP D 26 -11.88 -47.24 7.21
CA ASP D 26 -13.34 -47.26 7.15
C ASP D 26 -13.88 -46.67 5.85
N MET D 27 -13.21 -45.68 5.28
CA MET D 27 -13.77 -44.93 4.15
C MET D 27 -12.95 -45.16 2.89
N GLU D 28 -13.61 -44.98 1.75
CA GLU D 28 -12.98 -45.22 0.46
C GLU D 28 -11.88 -44.18 0.20
N PRO D 29 -10.76 -44.60 -0.40
CA PRO D 29 -9.63 -43.64 -0.59
C PRO D 29 -9.98 -42.43 -1.43
N LYS D 30 -10.66 -42.61 -2.57
CA LYS D 30 -10.95 -41.48 -3.44
C LYS D 30 -11.86 -40.46 -2.74
N LEU D 31 -12.86 -40.95 -1.99
CA LEU D 31 -13.73 -40.03 -1.26
C LEU D 31 -12.96 -39.32 -0.15
N PHE D 32 -12.04 -40.04 0.50
CA PHE D 32 -11.19 -39.44 1.52
C PHE D 32 -10.39 -38.27 0.95
N ALA D 33 -9.70 -38.52 -0.18
CA ALA D 33 -8.94 -37.46 -0.83
C ALA D 33 -9.83 -36.35 -1.34
N ARG D 34 -11.07 -36.66 -1.70
CA ARG D 34 -11.98 -35.62 -2.20
C ARG D 34 -12.40 -34.69 -1.08
N ASN D 35 -12.82 -35.25 0.06
CA ASN D 35 -13.22 -34.41 1.19
C ASN D 35 -12.05 -33.62 1.74
N LEU D 36 -10.94 -34.31 2.06
CA LEU D 36 -9.77 -33.60 2.56
C LEU D 36 -9.33 -32.52 1.59
N SER D 37 -9.33 -32.84 0.29
CA SER D 37 -8.92 -31.87 -0.72
C SER D 37 -9.84 -30.66 -0.72
N ARG D 38 -11.16 -30.91 -0.74
CA ARG D 38 -12.13 -29.82 -0.79
C ARG D 38 -12.03 -28.92 0.43
N VAL D 39 -11.67 -29.47 1.58
CA VAL D 39 -11.73 -28.69 2.81
C VAL D 39 -10.42 -27.98 3.12
N ASN D 40 -9.28 -28.63 2.92
CA ASN D 40 -8.02 -27.95 3.17
C ASN D 40 -7.58 -27.05 2.03
N ASN D 41 -8.40 -26.92 0.98
CA ASN D 41 -8.07 -26.11 -0.20
C ASN D 41 -6.72 -26.53 -0.79
N PHE D 42 -6.45 -27.83 -0.72
CA PHE D 42 -5.23 -28.44 -1.23
C PHE D 42 -5.65 -29.71 -1.96
N LYS D 43 -4.76 -30.29 -2.76
CA LYS D 43 -5.09 -31.50 -3.50
C LYS D 43 -4.44 -32.69 -2.83
N PHE D 44 -5.23 -33.74 -2.61
CA PHE D 44 -4.76 -35.01 -2.06
C PHE D 44 -4.82 -36.08 -3.13
N GLN D 45 -3.73 -36.84 -3.28
CA GLN D 45 -3.66 -37.91 -4.26
C GLN D 45 -3.82 -39.27 -3.57
N ASP D 46 -4.64 -40.11 -4.19
CA ASP D 46 -4.97 -41.43 -3.66
C ASP D 46 -4.23 -42.51 -4.46
N SER D 47 -3.53 -43.39 -3.74
CA SER D 47 -2.94 -44.57 -4.34
C SER D 47 -3.97 -45.69 -4.26
N ASN D 48 -3.53 -46.94 -4.49
CA ASN D 48 -4.43 -48.08 -4.40
C ASN D 48 -5.12 -48.13 -3.03
N ASP D 49 -4.35 -48.08 -1.95
CA ASP D 49 -4.92 -48.19 -0.62
C ASP D 49 -4.76 -46.95 0.25
N LEU D 50 -3.89 -46.01 -0.10
CA LEU D 50 -3.60 -44.88 0.76
C LEU D 50 -3.68 -43.56 0.00
N VAL D 51 -3.78 -42.47 0.74
CA VAL D 51 -3.85 -41.12 0.19
C VAL D 51 -2.64 -40.34 0.71
N TRP D 52 -1.99 -39.57 -0.17
CA TRP D 52 -0.76 -38.88 0.21
C TRP D 52 -0.82 -37.41 -0.22
N ILE D 53 0.01 -36.59 0.43
CA ILE D 53 0.06 -35.16 0.17
C ILE D 53 1.50 -34.66 0.22
N GLU D 54 1.79 -33.67 -0.63
CA GLU D 54 3.07 -32.97 -0.66
C GLU D 54 2.88 -31.55 -0.16
N ILE D 55 3.63 -31.18 0.88
CA ILE D 55 3.52 -29.85 1.50
C ILE D 55 4.91 -29.36 1.85
N PRO D 56 5.07 -28.04 1.98
CA PRO D 56 6.35 -27.51 2.47
C PRO D 56 6.53 -27.83 3.95
N ASP D 57 7.80 -27.84 4.38
CA ASP D 57 8.16 -28.18 5.76
C ASP D 57 7.79 -27.02 6.67
N ILE D 58 6.50 -26.96 7.00
CA ILE D 58 5.92 -25.91 7.86
C ILE D 58 4.74 -26.50 8.60
N ASP D 59 4.27 -25.77 9.61
CA ASP D 59 3.09 -26.18 10.38
C ASP D 59 1.87 -26.06 9.46
N PHE D 60 1.42 -27.20 8.94
CA PHE D 60 0.30 -27.27 8.00
C PHE D 60 -0.90 -27.81 8.76
N GLN D 61 -1.78 -26.91 9.20
CA GLN D 61 -2.98 -27.34 9.93
C GLN D 61 -3.88 -28.15 9.04
N ILE D 62 -4.19 -29.38 9.45
CA ILE D 62 -5.15 -30.21 8.75
C ILE D 62 -6.52 -29.98 9.33
N THR D 63 -7.55 -29.96 8.48
CA THR D 63 -8.92 -29.91 8.95
C THR D 63 -9.69 -31.12 8.42
N PRO D 64 -10.34 -31.88 9.32
CA PRO D 64 -10.25 -31.68 10.76
C PRO D 64 -9.01 -32.34 11.35
N LYS D 65 -8.64 -31.95 12.58
CA LYS D 65 -7.42 -32.46 13.20
C LYS D 65 -7.49 -33.96 13.45
N ASN D 66 -8.70 -34.52 13.61
CA ASN D 66 -8.84 -35.95 13.91
C ASN D 66 -8.21 -36.85 12.86
N VAL D 67 -7.82 -36.30 11.71
CA VAL D 67 -7.17 -37.07 10.64
C VAL D 67 -5.84 -37.65 11.11
N PHE D 68 -5.24 -37.08 12.16
CA PHE D 68 -3.93 -37.50 12.63
C PHE D 68 -3.82 -39.00 12.89
N GLN D 69 -4.93 -39.65 13.25
CA GLN D 69 -4.89 -41.08 13.54
C GLN D 69 -4.47 -41.88 12.32
N TYR D 70 -4.90 -41.44 11.14
CA TYR D 70 -4.65 -42.15 9.89
C TYR D 70 -3.22 -41.95 9.37
N LYS D 71 -2.48 -40.99 9.92
CA LYS D 71 -1.13 -40.72 9.43
C LYS D 71 -0.20 -41.89 9.73
N VAL D 72 0.84 -42.01 8.91
CA VAL D 72 1.78 -43.12 8.99
C VAL D 72 3.18 -42.55 9.18
N GLU D 73 4.05 -43.34 9.84
CA GLU D 73 5.43 -42.93 10.07
C GLU D 73 6.18 -42.71 8.77
N LYS D 74 5.78 -43.40 7.69
CA LYS D 74 6.42 -43.23 6.40
C LYS D 74 6.33 -41.78 5.93
N GLU D 75 7.49 -41.17 5.69
CA GLU D 75 7.58 -39.77 5.29
C GLU D 75 8.74 -39.63 4.32
N GLU D 76 8.60 -38.75 3.33
CA GLU D 76 9.70 -38.48 2.42
C GLU D 76 10.11 -37.02 2.46
N ILE D 77 11.41 -36.79 2.44
CA ILE D 77 11.99 -35.45 2.46
C ILE D 77 12.70 -35.22 1.13
N ILE D 78 12.29 -34.18 0.41
CA ILE D 78 12.86 -33.81 -0.87
C ILE D 78 13.46 -32.41 -0.77
N LYS D 79 14.78 -32.32 -0.92
CA LYS D 79 15.44 -31.03 -0.84
C LYS D 79 15.13 -30.20 -2.08
N GLU D 80 15.34 -28.89 -1.95
CA GLU D 80 15.23 -28.01 -3.12
C GLU D 80 16.29 -28.34 -4.16
N GLU D 81 17.48 -28.77 -3.72
CA GLU D 81 18.55 -29.10 -4.65
C GLU D 81 18.20 -30.27 -5.55
N GLU D 82 17.59 -31.32 -4.99
CA GLU D 82 17.31 -32.51 -5.80
C GLU D 82 16.20 -32.25 -6.81
N ASP D 83 15.10 -31.62 -6.37
CA ASP D 83 13.98 -31.34 -7.28
C ASP D 83 13.52 -29.91 -7.03
N LYS D 84 13.95 -28.99 -7.90
CA LYS D 84 13.52 -27.60 -7.81
C LYS D 84 12.07 -27.44 -8.28
N LYS D 85 11.71 -28.15 -9.35
CA LYS D 85 10.38 -28.02 -9.94
C LYS D 85 9.30 -28.34 -8.91
N LEU D 86 9.51 -29.41 -8.14
CA LEU D 86 8.54 -29.78 -7.12
C LEU D 86 8.43 -28.72 -6.04
N PHE D 87 9.56 -28.14 -5.64
CA PHE D 87 9.52 -27.09 -4.63
C PHE D 87 8.70 -25.90 -5.10
N VAL D 88 8.93 -25.45 -6.34
CA VAL D 88 8.23 -24.28 -6.85
C VAL D 88 6.75 -24.57 -7.00
N LYS D 89 6.41 -25.69 -7.63
CA LYS D 89 5.00 -26.02 -7.87
C LYS D 89 4.25 -26.22 -6.56
N THR D 90 4.84 -26.97 -5.63
CA THR D 90 4.23 -27.17 -4.32
C THR D 90 4.03 -25.85 -3.60
N LEU D 91 5.00 -24.94 -3.71
CA LEU D 91 4.86 -23.62 -3.10
C LEU D 91 3.68 -22.86 -3.68
N TYR D 92 3.52 -22.88 -5.01
CA TYR D 92 2.34 -22.27 -5.62
C TYR D 92 1.06 -22.89 -5.06
N LYS D 93 1.05 -24.22 -4.91
CA LYS D 93 -0.11 -24.90 -4.35
C LYS D 93 -0.44 -24.37 -2.96
N TYR D 94 0.58 -24.22 -2.11
CA TYR D 94 0.35 -23.72 -0.75
C TYR D 94 -0.15 -22.29 -0.75
N ILE D 95 0.39 -21.45 -1.65
CA ILE D 95 -0.10 -20.08 -1.79
C ILE D 95 -1.58 -20.08 -2.11
N LYS D 96 -1.97 -20.88 -3.11
CA LYS D 96 -3.37 -21.00 -3.47
C LYS D 96 -4.21 -21.43 -2.27
N LYS D 97 -3.68 -22.36 -1.46
CA LYS D 97 -4.40 -22.76 -0.26
C LYS D 97 -4.58 -21.60 0.70
N LEU D 98 -3.53 -20.80 0.92
CA LEU D 98 -3.64 -19.68 1.86
C LEU D 98 -4.71 -18.69 1.40
N PHE D 99 -4.66 -18.28 0.13
CA PHE D 99 -5.64 -17.32 -0.36
C PHE D 99 -7.05 -17.88 -0.25
N LEU D 100 -7.24 -19.13 -0.67
CA LEU D 100 -8.57 -19.74 -0.58
C LEU D 100 -9.05 -19.78 0.87
N ASP D 101 -8.15 -20.09 1.80
CA ASP D 101 -8.52 -20.12 3.22
C ASP D 101 -8.90 -18.74 3.74
N ASN D 102 -8.36 -17.68 3.16
CA ASN D 102 -8.68 -16.32 3.60
C ASN D 102 -9.71 -15.64 2.70
N ASP D 103 -10.67 -16.38 2.18
CA ASP D 103 -11.80 -15.83 1.43
C ASP D 103 -11.34 -15.07 0.19
N PHE D 104 -10.60 -15.78 -0.66
CA PHE D 104 -10.14 -15.25 -1.92
C PHE D 104 -10.60 -16.16 -3.05
N TYR D 105 -10.99 -15.57 -4.17
CA TYR D 105 -11.39 -16.31 -5.35
C TYR D 105 -10.16 -16.55 -6.23
N PHE D 106 -10.16 -17.69 -6.92
CA PHE D 106 -9.04 -18.08 -7.76
C PHE D 106 -9.31 -17.73 -9.23
N LYS D 107 -8.30 -17.15 -9.87
CA LYS D 107 -8.32 -16.81 -11.28
C LYS D 107 -7.11 -17.46 -11.95
N LYS D 108 -7.20 -17.69 -13.25
CA LYS D 108 -6.09 -18.31 -13.96
C LYS D 108 -4.87 -17.39 -13.94
N GLY D 109 -3.68 -18.00 -13.89
CA GLY D 109 -2.45 -17.26 -13.87
C GLY D 109 -1.98 -16.81 -12.50
N ASN D 110 -2.45 -17.47 -11.44
CA ASN D 110 -2.07 -17.14 -10.06
C ASN D 110 -2.54 -15.73 -9.69
N ASN D 111 -3.77 -15.41 -10.09
CA ASN D 111 -4.43 -14.17 -9.72
C ASN D 111 -5.48 -14.48 -8.67
N PHE D 112 -5.50 -13.71 -7.59
CA PHE D 112 -6.44 -13.93 -6.50
C PHE D 112 -7.30 -12.69 -6.29
N ILE D 113 -8.62 -12.89 -6.34
CA ILE D 113 -9.60 -11.83 -6.19
C ILE D 113 -10.09 -11.82 -4.75
N SER D 114 -10.46 -10.65 -4.23
CA SER D 114 -10.94 -10.52 -2.87
C SER D 114 -12.42 -10.17 -2.88
N ASN D 115 -13.22 -10.95 -2.15
CA ASN D 115 -14.64 -10.62 -1.97
C ASN D 115 -14.85 -9.53 -0.94
N SER D 116 -13.91 -9.36 -0.01
CA SER D 116 -14.05 -8.36 1.04
C SER D 116 -13.74 -6.95 0.53
N GLU D 117 -12.67 -6.80 -0.25
CA GLU D 117 -12.17 -5.48 -0.62
C GLU D 117 -12.74 -5.08 -1.98
N VAL D 118 -14.05 -4.81 -1.99
CA VAL D 118 -14.76 -4.43 -3.19
C VAL D 118 -15.42 -3.08 -2.99
N PHE D 119 -15.68 -2.38 -4.10
CA PHE D 119 -16.44 -1.15 -4.03
C PHE D 119 -17.28 -1.01 -5.30
N SER D 120 -18.35 -0.23 -5.20
CA SER D 120 -19.30 -0.07 -6.30
C SER D 120 -18.83 1.03 -7.24
N LEU D 121 -18.88 0.76 -8.54
CA LEU D 121 -18.48 1.76 -9.53
C LEU D 121 -19.51 2.87 -9.60
N ASP D 122 -19.02 4.10 -9.77
CA ASP D 122 -19.90 5.25 -9.89
C ASP D 122 -20.71 5.22 -11.19
N SER D 123 -20.06 4.85 -12.29
CA SER D 123 -20.75 4.86 -13.58
C SER D 123 -21.89 3.84 -13.62
N ASN D 124 -21.70 2.68 -13.00
CA ASN D 124 -22.72 1.63 -13.00
C ASN D 124 -22.77 1.00 -11.62
N GLU D 125 -23.91 1.10 -10.95
CA GLU D 125 -24.02 0.55 -9.59
C GLU D 125 -23.97 -0.97 -9.60
N ASN D 126 -24.34 -1.59 -10.72
CA ASN D 126 -24.45 -3.05 -10.77
C ASN D 126 -23.09 -3.73 -10.84
N VAL D 127 -22.06 -3.03 -11.31
CA VAL D 127 -20.72 -3.60 -11.39
C VAL D 127 -19.93 -3.23 -10.13
N ASN D 128 -19.17 -4.21 -9.65
CA ASN D 128 -18.35 -4.10 -8.45
C ASN D 128 -16.89 -4.30 -8.84
N ALA D 129 -16.02 -3.46 -8.27
CA ALA D 129 -14.59 -3.56 -8.45
C ALA D 129 -14.00 -4.33 -7.28
N HIS D 130 -13.28 -5.40 -7.60
CA HIS D 130 -12.68 -6.31 -6.65
C HIS D 130 -11.18 -6.09 -6.63
N LEU D 131 -10.61 -5.91 -5.44
CA LEU D 131 -9.16 -5.88 -5.33
C LEU D 131 -8.59 -7.25 -5.63
N THR D 132 -7.53 -7.27 -6.42
CA THR D 132 -6.94 -8.49 -6.97
C THR D 132 -5.43 -8.40 -6.85
N TYR D 133 -4.78 -9.54 -6.64
CA TYR D 133 -3.34 -9.59 -6.54
C TYR D 133 -2.80 -10.68 -7.44
N LYS D 134 -1.69 -10.38 -8.11
CA LYS D 134 -1.01 -11.29 -9.01
C LYS D 134 0.28 -11.73 -8.35
N ILE D 135 0.48 -13.03 -8.24
CA ILE D 135 1.56 -13.62 -7.47
C ILE D 135 2.47 -14.40 -8.42
N LYS D 136 3.78 -14.25 -8.24
CA LYS D 136 4.72 -15.06 -9.00
C LYS D 136 5.91 -15.40 -8.13
N ILE D 137 6.42 -16.62 -8.27
CA ILE D 137 7.59 -17.07 -7.54
C ILE D 137 8.84 -16.74 -8.35
N HIS D 138 9.77 -16.01 -7.74
CA HIS D 138 11.02 -15.63 -8.39
C HIS D 138 12.19 -16.16 -7.59
N ASN D 139 13.19 -16.71 -8.27
CA ASN D 139 14.38 -17.25 -7.63
C ASN D 139 15.54 -16.32 -7.99
N ILE D 140 16.05 -15.60 -6.99
CA ILE D 140 17.13 -14.63 -7.18
C ILE D 140 18.20 -14.90 -6.14
N SER D 141 19.46 -14.85 -6.56
CA SER D 141 20.61 -15.03 -5.67
C SER D 141 20.51 -16.33 -4.88
N ASN D 142 20.02 -17.39 -5.53
CA ASN D 142 19.85 -18.71 -4.92
C ASN D 142 18.94 -18.66 -3.70
N GLU D 143 17.93 -17.78 -3.74
CA GLU D 143 16.92 -17.69 -2.69
C GLU D 143 15.58 -17.41 -3.35
N TYR D 144 14.50 -17.71 -2.64
CA TYR D 144 13.16 -17.59 -3.20
C TYR D 144 12.45 -16.35 -2.67
N TYR D 145 11.89 -15.58 -3.59
CA TYR D 145 11.15 -14.36 -3.32
C TYR D 145 9.77 -14.47 -3.95
N LEU D 146 8.85 -13.69 -3.40
CA LEU D 146 7.46 -13.67 -3.84
C LEU D 146 7.15 -12.30 -4.42
N SER D 147 6.58 -12.28 -5.62
CA SER D 147 6.24 -11.04 -6.31
C SER D 147 4.73 -10.85 -6.26
N ILE D 148 4.32 -9.69 -5.75
CA ILE D 148 2.92 -9.35 -5.52
C ILE D 148 2.62 -8.08 -6.29
N LEU D 149 1.64 -8.12 -7.20
CA LEU D 149 1.27 -6.95 -7.98
C LEU D 149 -0.21 -6.68 -7.81
N PRO D 150 -0.62 -5.45 -7.48
CA PRO D 150 -2.04 -5.17 -7.30
C PRO D 150 -2.73 -4.73 -8.59
N LYS D 151 -3.87 -5.36 -8.90
CA LYS D 151 -4.71 -4.94 -10.00
C LYS D 151 -6.16 -5.19 -9.59
N PHE D 152 -7.09 -4.76 -10.43
CA PHE D 152 -8.51 -4.86 -10.10
C PHE D 152 -9.26 -5.73 -11.10
N THR D 153 -10.22 -6.51 -10.59
CA THR D 153 -11.10 -7.35 -11.41
C THR D 153 -12.54 -6.90 -11.21
N PHE D 154 -13.25 -6.68 -12.32
CA PHE D 154 -14.60 -6.13 -12.28
C PHE D 154 -15.62 -7.24 -12.52
N LEU D 155 -16.53 -7.42 -11.56
CA LEU D 155 -17.55 -8.46 -11.63
C LEU D 155 -18.86 -7.88 -11.13
N SER D 156 -19.97 -8.50 -11.54
CA SER D 156 -21.28 -7.99 -11.16
C SER D 156 -21.45 -7.99 -9.64
N LYS D 157 -22.27 -7.05 -9.16
CA LYS D 157 -22.48 -6.90 -7.72
C LYS D 157 -23.23 -8.10 -7.14
N GLU D 158 -24.18 -8.64 -7.88
CA GLU D 158 -25.04 -9.71 -7.40
C GLU D 158 -24.97 -10.91 -8.33
N PRO D 159 -25.32 -12.11 -7.84
CA PRO D 159 -25.32 -13.28 -8.72
C PRO D 159 -26.28 -13.12 -9.90
N ALA D 160 -26.09 -14.00 -10.89
CA ALA D 160 -26.75 -13.84 -12.18
C ALA D 160 -28.25 -13.67 -12.06
N LEU D 161 -28.88 -14.47 -11.20
CA LEU D 161 -30.34 -14.45 -11.11
C LEU D 161 -30.85 -13.11 -10.59
N GLU D 162 -30.11 -12.50 -9.66
CA GLU D 162 -30.51 -11.22 -9.09
C GLU D 162 -29.68 -10.05 -9.62
N SER D 163 -28.79 -10.29 -10.58
CA SER D 163 -28.00 -9.22 -11.18
C SER D 163 -28.80 -8.57 -12.30
N ALA D 164 -29.01 -7.25 -12.20
CA ALA D 164 -29.68 -6.53 -13.27
C ALA D 164 -28.84 -6.51 -14.53
N ILE D 165 -27.53 -6.36 -14.39
CA ILE D 165 -26.62 -6.39 -15.52
C ILE D 165 -26.40 -7.84 -15.95
N LYS D 166 -26.34 -8.06 -17.26
CA LYS D 166 -26.16 -9.39 -17.82
C LYS D 166 -24.96 -9.36 -18.76
N SER D 167 -24.27 -10.49 -18.85
CA SER D 167 -23.03 -10.57 -19.61
C SER D 167 -22.99 -11.89 -20.37
N GLY D 168 -21.93 -12.03 -21.18
CA GLY D 168 -21.81 -13.22 -22.01
C GLY D 168 -21.42 -14.46 -21.22
N TYR D 169 -20.53 -14.30 -20.24
CA TYR D 169 -19.99 -15.41 -19.48
C TYR D 169 -20.22 -15.21 -17.99
N LEU D 170 -20.11 -16.31 -17.25
CA LEU D 170 -20.23 -16.33 -15.80
C LEU D 170 -18.95 -16.90 -15.19
N TYR D 171 -18.62 -16.41 -14.01
CA TYR D 171 -17.47 -16.82 -13.25
C TYR D 171 -17.90 -17.54 -11.98
N ASN D 172 -17.33 -18.71 -11.73
CA ASN D 172 -17.64 -19.50 -10.54
C ASN D 172 -16.62 -19.14 -9.46
N ILE D 173 -17.10 -18.53 -8.38
CA ILE D 173 -16.21 -18.11 -7.30
C ILE D 173 -15.45 -19.31 -6.72
N LYS D 174 -16.16 -20.42 -6.49
CA LYS D 174 -15.52 -21.59 -5.91
C LYS D 174 -14.62 -22.29 -6.93
N SER D 175 -15.16 -22.58 -8.11
CA SER D 175 -14.38 -23.30 -9.12
C SER D 175 -13.22 -22.45 -9.65
N GLY D 176 -13.48 -21.17 -9.92
CA GLY D 176 -12.50 -20.35 -10.61
C GLY D 176 -12.54 -20.49 -12.11
N LYS D 177 -13.65 -20.98 -12.66
CA LYS D 177 -13.81 -21.21 -14.08
C LYS D 177 -15.00 -20.40 -14.59
N SER D 178 -15.00 -20.12 -15.89
CA SER D 178 -16.04 -19.32 -16.52
C SER D 178 -16.76 -20.14 -17.59
N PHE D 179 -18.07 -19.98 -17.67
CA PHE D 179 -18.90 -20.71 -18.60
C PHE D 179 -19.89 -19.78 -19.29
N PRO D 180 -20.28 -20.09 -20.53
CA PRO D 180 -21.26 -19.25 -21.22
C PRO D 180 -22.62 -19.26 -20.54
N TYR D 181 -23.19 -18.07 -20.38
CA TYR D 181 -24.47 -17.87 -19.70
C TYR D 181 -25.59 -17.98 -20.73
N ILE D 182 -26.45 -18.98 -20.58
CA ILE D 182 -27.51 -19.21 -21.56
C ILE D 182 -28.80 -18.52 -21.17
N SER D 183 -29.31 -18.76 -19.97
CA SER D 183 -30.58 -18.15 -19.57
C SER D 183 -30.64 -18.10 -18.05
N GLY D 184 -31.39 -17.12 -17.55
CA GLY D 184 -31.60 -16.99 -16.13
C GLY D 184 -33.06 -16.86 -15.77
N LEU D 185 -33.93 -17.49 -16.55
CA LEU D 185 -35.36 -17.33 -16.37
C LEU D 185 -35.85 -18.07 -15.12
N ASP D 186 -36.78 -17.41 -14.40
CA ASP D 186 -37.56 -18.02 -13.32
C ASP D 186 -36.71 -18.82 -12.32
N GLY D 187 -35.65 -18.16 -11.83
CA GLY D 187 -34.87 -18.76 -10.78
C GLY D 187 -33.94 -19.88 -11.19
N ILE D 188 -33.80 -20.15 -12.49
CA ILE D 188 -32.92 -21.18 -13.00
C ILE D 188 -31.94 -20.56 -13.97
N LEU D 189 -30.64 -20.72 -13.69
CA LEU D 189 -29.60 -20.22 -14.58
C LEU D 189 -28.96 -21.43 -15.24
N LYS D 190 -28.86 -21.41 -16.56
CA LYS D 190 -28.28 -22.50 -17.33
C LYS D 190 -26.97 -22.05 -17.94
N ILE D 191 -25.98 -22.94 -17.97
CA ILE D 191 -24.68 -22.60 -18.53
C ILE D 191 -24.28 -23.65 -19.55
N ASP D 192 -23.24 -23.29 -20.32
CA ASP D 192 -22.67 -24.16 -21.33
C ASP D 192 -21.37 -24.77 -20.81
N ILE D 193 -21.29 -26.09 -20.87
CA ILE D 193 -20.10 -26.85 -20.50
C ILE D 193 -19.49 -27.34 -21.80
N GLY D 194 -18.44 -28.15 -21.72
CA GLY D 194 -17.82 -28.66 -22.93
C GLY D 194 -18.77 -29.47 -23.80
N ASN D 195 -18.48 -29.47 -25.10
CA ASN D 195 -19.18 -30.30 -26.08
C ASN D 195 -20.65 -29.89 -26.23
N ASN D 196 -20.93 -28.59 -26.12
CA ASN D 196 -22.27 -28.04 -26.34
C ASN D 196 -23.29 -28.71 -25.44
N GLN D 197 -22.93 -28.91 -24.18
CA GLN D 197 -23.80 -29.52 -23.18
C GLN D 197 -24.31 -28.44 -22.25
N ILE D 198 -25.63 -28.36 -22.09
CA ILE D 198 -26.27 -27.29 -21.34
C ILE D 198 -26.72 -27.86 -20.01
N VAL D 199 -26.47 -27.13 -18.92
CA VAL D 199 -26.77 -27.66 -17.60
C VAL D 199 -27.46 -26.61 -16.74
N GLU D 200 -28.34 -27.12 -15.86
CA GLU D 200 -28.94 -26.37 -14.77
C GLU D 200 -28.03 -26.58 -13.56
N VAL D 201 -27.41 -25.53 -13.08
CA VAL D 201 -26.41 -25.69 -12.02
C VAL D 201 -27.04 -25.55 -10.65
N ALA D 202 -26.63 -26.42 -9.74
CA ALA D 202 -26.94 -26.23 -8.33
C ALA D 202 -26.07 -25.10 -7.78
N TYR D 203 -26.47 -24.59 -6.62
CA TYR D 203 -25.89 -23.40 -6.02
C TYR D 203 -25.75 -22.32 -7.10
N PRO D 204 -26.85 -21.68 -7.49
CA PRO D 204 -26.76 -20.60 -8.49
C PRO D 204 -26.08 -19.35 -7.98
N GLU D 205 -26.02 -19.15 -6.66
CA GLU D 205 -25.45 -17.93 -6.09
C GLU D 205 -23.94 -17.82 -6.31
N ASN D 206 -23.28 -18.94 -6.61
CA ASN D 206 -21.82 -18.92 -6.78
C ASN D 206 -21.40 -18.21 -8.07
N TYR D 207 -22.28 -18.14 -9.06
CA TYR D 207 -21.91 -17.59 -10.37
C TYR D 207 -22.09 -16.08 -10.41
N LEU D 208 -21.13 -15.40 -11.05
CA LEU D 208 -21.11 -13.95 -11.18
C LEU D 208 -20.91 -13.58 -12.64
N PHE D 209 -21.10 -12.31 -12.96
CA PHE D 209 -20.93 -11.82 -14.32
C PHE D 209 -19.63 -11.04 -14.45
N ASN D 210 -18.83 -11.41 -15.45
CA ASN D 210 -17.65 -10.65 -15.84
C ASN D 210 -17.93 -9.96 -17.18
N PHE D 211 -17.15 -8.92 -17.47
CA PHE D 211 -17.49 -8.03 -18.58
C PHE D 211 -16.29 -7.82 -19.49
N THR D 212 -16.55 -7.79 -20.79
CA THR D 212 -15.57 -7.43 -21.79
C THR D 212 -15.49 -5.91 -21.93
N THR D 213 -14.49 -5.45 -22.69
CA THR D 213 -14.41 -4.03 -23.01
C THR D 213 -15.66 -3.57 -23.73
N ARG D 214 -16.19 -4.40 -24.64
CA ARG D 214 -17.43 -4.07 -25.33
C ARG D 214 -18.58 -3.95 -24.34
N ASP D 215 -18.65 -4.84 -23.36
CA ASP D 215 -19.67 -4.74 -22.32
C ASP D 215 -19.47 -3.48 -21.49
N ALA D 216 -18.22 -3.19 -21.13
CA ALA D 216 -17.94 -1.99 -20.34
C ALA D 216 -18.38 -0.73 -21.05
N GLU D 217 -18.13 -0.64 -22.36
CA GLU D 217 -18.66 0.50 -23.13
C GLU D 217 -20.18 0.45 -23.19
N LYS D 218 -20.74 -0.75 -23.33
CA LYS D 218 -22.19 -0.89 -23.46
C LYS D 218 -22.91 -0.35 -22.22
N TYR D 219 -22.36 -0.60 -21.04
CA TYR D 219 -22.96 -0.17 -19.79
C TYR D 219 -22.33 1.10 -19.24
N GLY D 220 -21.34 1.66 -19.92
CA GLY D 220 -20.85 2.99 -19.62
C GLY D 220 -19.78 3.08 -18.54
N PHE D 221 -19.31 1.97 -18.00
CA PHE D 221 -18.26 2.00 -17.00
C PHE D 221 -16.88 1.73 -17.59
N SER D 222 -16.76 1.74 -18.92
CA SER D 222 -15.48 1.51 -19.56
C SER D 222 -14.46 2.60 -19.19
N LYS D 223 -14.92 3.85 -19.10
CA LYS D 223 -14.01 4.94 -18.80
C LYS D 223 -13.54 4.91 -17.36
N GLU D 224 -14.44 4.58 -16.42
CA GLU D 224 -14.10 4.57 -15.00
C GLU D 224 -13.04 3.53 -14.67
N VAL D 225 -12.97 2.43 -15.43
CA VAL D 225 -12.00 1.37 -15.14
C VAL D 225 -10.59 1.92 -15.10
N HIS D 226 -10.21 2.71 -16.11
CA HIS D 226 -8.86 3.25 -16.14
C HIS D 226 -8.66 4.36 -15.12
N GLU D 227 -9.74 5.00 -14.66
CA GLU D 227 -9.64 5.89 -13.52
C GLU D 227 -9.25 5.10 -12.27
N ILE D 228 -9.84 3.92 -12.10
CA ILE D 228 -9.52 3.08 -10.96
C ILE D 228 -8.09 2.57 -11.06
N TYR D 229 -7.67 2.17 -12.26
CA TYR D 229 -6.31 1.67 -12.45
C TYR D 229 -5.29 2.78 -12.26
N LYS D 230 -5.62 4.01 -12.63
CA LYS D 230 -4.67 5.11 -12.47
C LYS D 230 -4.60 5.58 -11.02
N ASN D 231 -5.68 5.44 -10.26
CA ASN D 231 -5.75 6.06 -8.94
C ASN D 231 -5.59 5.11 -7.76
N LYS D 232 -6.21 3.95 -7.78
CA LYS D 232 -6.24 3.10 -6.58
C LYS D 232 -5.20 1.98 -6.61
N VAL D 233 -4.31 1.94 -7.61
CA VAL D 233 -3.27 0.93 -7.60
C VAL D 233 -2.27 1.20 -6.48
N PHE D 234 -2.02 2.47 -6.19
CA PHE D 234 -1.06 2.83 -5.14
C PHE D 234 -1.54 2.33 -3.78
N GLU D 235 -2.81 2.57 -3.46
CA GLU D 235 -3.40 1.97 -2.26
C GLU D 235 -3.39 0.45 -2.36
N GLY D 236 -3.51 -0.10 -3.57
CA GLY D 236 -3.35 -1.53 -3.74
C GLY D 236 -1.99 -2.02 -3.26
N PHE D 237 -0.94 -1.27 -3.55
CA PHE D 237 0.38 -1.60 -2.99
C PHE D 237 0.40 -1.44 -1.48
N LYS D 238 -0.15 -0.33 -0.98
CA LYS D 238 -0.03 -0.07 0.46
C LYS D 238 -0.80 -1.08 1.30
N LYS D 239 -1.88 -1.65 0.78
CA LYS D 239 -2.69 -2.57 1.58
C LYS D 239 -2.10 -3.97 1.65
N ILE D 240 -0.90 -4.21 1.11
CA ILE D 240 -0.36 -5.57 1.10
C ILE D 240 -0.14 -6.13 2.51
N PRO D 241 0.50 -5.41 3.45
CA PRO D 241 0.68 -6.01 4.79
C PRO D 241 -0.63 -6.29 5.51
N LYS D 242 -1.62 -5.40 5.36
CA LYS D 242 -2.90 -5.61 6.05
C LYS D 242 -3.74 -6.68 5.36
N THR D 243 -3.89 -6.58 4.03
CA THR D 243 -4.79 -7.47 3.33
C THR D 243 -4.22 -8.87 3.20
N LEU D 244 -2.92 -8.98 2.96
CA LEU D 244 -2.26 -10.26 2.76
C LEU D 244 -1.48 -10.73 3.98
N GLY D 245 -1.84 -10.24 5.17
CA GLY D 245 -1.10 -10.60 6.37
C GLY D 245 -1.03 -12.10 6.62
N PHE D 246 -2.00 -12.85 6.09
CA PHE D 246 -1.96 -14.30 6.21
C PHE D 246 -0.74 -14.91 5.56
N LEU D 247 -0.04 -14.16 4.71
CA LEU D 247 1.21 -14.61 4.13
C LEU D 247 2.37 -14.56 5.13
N ASN D 248 2.09 -14.32 6.41
CA ASN D 248 3.13 -14.30 7.43
C ASN D 248 3.82 -15.65 7.60
N LYS D 249 3.14 -16.74 7.23
CA LYS D 249 3.76 -18.06 7.36
C LYS D 249 4.98 -18.21 6.47
N ILE D 250 4.90 -17.69 5.25
CA ILE D 250 6.01 -17.85 4.30
C ILE D 250 6.98 -16.68 4.33
N THR D 251 6.51 -15.47 4.61
CA THR D 251 7.36 -14.29 4.49
C THR D 251 6.90 -13.21 5.47
N ASN D 252 7.76 -12.23 5.68
CA ASN D 252 7.45 -11.06 6.48
C ASN D 252 7.14 -9.92 5.53
N LEU D 253 5.86 -9.55 5.43
CA LEU D 253 5.46 -8.55 4.45
C LEU D 253 5.99 -7.17 4.81
N ASN D 254 6.16 -6.88 6.10
CA ASN D 254 6.73 -5.61 6.51
C ASN D 254 8.15 -5.45 5.98
N GLU D 255 8.86 -6.56 5.80
CA GLU D 255 10.19 -6.54 5.20
C GLU D 255 10.06 -6.37 3.70
N ASN D 256 10.55 -5.25 3.17
CA ASN D 256 10.51 -4.95 1.75
C ASN D 256 11.85 -5.27 1.11
N TYR D 257 11.82 -5.52 -0.19
CA TYR D 257 13.05 -5.83 -0.92
C TYR D 257 13.94 -4.60 -0.92
N GLN D 258 15.06 -4.68 -0.20
CA GLN D 258 15.98 -3.56 -0.09
C GLN D 258 16.66 -3.32 -1.42
N LEU D 259 16.30 -2.23 -2.11
CA LEU D 259 16.94 -1.89 -3.38
C LEU D 259 18.25 -1.20 -3.08
N LYS D 260 19.35 -1.85 -3.45
CA LYS D 260 20.69 -1.29 -3.27
C LYS D 260 20.87 -0.02 -4.08
N ASP D 261 21.71 0.87 -3.58
CA ASP D 261 21.99 2.11 -4.30
C ASP D 261 22.74 1.84 -5.60
N GLY D 262 23.68 0.88 -5.59
CA GLY D 262 24.45 0.59 -6.78
C GLY D 262 23.77 -0.31 -7.78
N TYR D 263 22.77 -1.07 -7.33
CA TYR D 263 22.01 -1.95 -8.21
C TYR D 263 20.93 -1.21 -9.00
N LYS D 264 20.64 0.03 -8.64
CA LYS D 264 19.66 0.87 -9.32
C LYS D 264 20.39 1.97 -10.10
N ILE D 265 20.15 2.03 -11.40
CA ILE D 265 20.82 2.98 -12.28
C ILE D 265 19.80 3.72 -13.13
N PHE D 266 19.97 5.04 -13.25
CA PHE D 266 19.15 5.84 -14.14
C PHE D 266 19.90 6.01 -15.45
N ILE D 267 19.20 5.81 -16.57
CA ILE D 267 19.81 5.92 -17.89
C ILE D 267 19.33 7.21 -18.51
N ASN D 268 20.26 8.07 -18.89
CA ASN D 268 19.96 9.35 -19.50
C ASN D 268 20.22 9.26 -21.00
N VAL D 269 19.18 9.51 -21.79
CA VAL D 269 19.26 9.45 -23.24
C VAL D 269 19.12 10.85 -23.79
N ILE D 270 20.10 11.29 -24.57
CA ILE D 270 20.06 12.57 -25.25
C ILE D 270 20.11 12.33 -26.75
N TYR D 271 19.13 12.88 -27.45
CA TYR D 271 19.08 12.80 -28.90
C TYR D 271 19.99 13.88 -29.47
N LYS D 272 20.93 13.47 -30.32
CA LYS D 272 21.85 14.37 -31.01
C LYS D 272 21.25 14.73 -32.36
N PHE D 273 21.07 16.02 -32.60
CA PHE D 273 20.49 16.50 -33.84
C PHE D 273 21.59 17.15 -34.68
N LYS D 274 21.20 17.66 -35.84
CA LYS D 274 22.16 18.26 -36.76
C LYS D 274 22.87 19.44 -36.13
N ASN D 275 22.11 20.42 -35.67
CA ASN D 275 22.67 21.65 -35.14
C ASN D 275 22.31 21.84 -33.66
N GLY D 276 22.55 20.82 -32.85
CA GLY D 276 22.29 20.92 -31.44
C GLY D 276 21.99 19.57 -30.82
N GLU D 277 21.62 19.62 -29.54
CA GLU D 277 21.44 18.44 -28.71
C GLU D 277 20.24 18.66 -27.80
N SER D 278 19.55 17.56 -27.46
CA SER D 278 18.44 17.66 -26.53
C SER D 278 18.27 16.33 -25.82
N ARG D 279 17.49 16.32 -24.73
CA ARG D 279 17.09 15.08 -24.10
C ARG D 279 15.67 14.65 -24.48
N TYR D 280 14.94 15.51 -25.20
CA TYR D 280 13.57 15.24 -25.62
C TYR D 280 13.54 14.97 -27.12
N ALA D 281 12.65 14.06 -27.53
CA ALA D 281 12.56 13.72 -28.94
C ALA D 281 11.91 14.83 -29.77
N LYS D 282 10.82 15.41 -29.26
CA LYS D 282 10.12 16.46 -30.01
C LYS D 282 11.02 17.65 -30.30
N ASP D 283 12.06 17.87 -29.50
CA ASP D 283 13.00 18.95 -29.77
C ASP D 283 13.73 18.79 -31.09
N VAL D 284 13.53 17.67 -31.80
CA VAL D 284 14.05 17.56 -33.16
C VAL D 284 13.50 18.68 -34.03
N PHE D 285 12.33 19.21 -33.69
CA PHE D 285 11.78 20.31 -34.48
C PHE D 285 12.60 21.58 -34.31
N LYS D 286 13.22 21.79 -33.16
CA LYS D 286 14.06 22.96 -32.96
C LYS D 286 15.39 22.80 -33.70
N TYR D 287 15.96 21.60 -33.69
CA TYR D 287 17.32 21.39 -34.19
C TYR D 287 17.38 20.55 -35.46
N SER D 288 16.23 20.31 -36.12
CA SER D 288 16.17 19.66 -37.42
C SER D 288 16.72 18.23 -37.42
N PHE D 289 16.90 17.65 -38.61
CA PHE D 289 17.36 16.29 -38.78
C PHE D 289 18.88 16.23 -38.82
N TYR D 290 19.44 15.23 -38.12
CA TYR D 290 20.88 14.98 -38.17
C TYR D 290 21.39 14.93 -39.61
N LYS D 291 20.71 14.13 -40.44
CA LYS D 291 21.02 14.04 -41.86
C LYS D 291 19.72 14.22 -42.63
N ASN D 292 19.69 15.17 -43.56
CA ASN D 292 18.48 15.46 -44.31
C ASN D 292 18.83 16.13 -45.64
N GLU D 293 18.46 17.40 -45.78
CA GLU D 293 18.77 18.19 -46.97
C GLU D 293 18.18 17.56 -48.23
N GLN D 294 17.10 16.81 -48.06
CA GLN D 294 16.41 16.15 -49.17
C GLN D 294 15.06 16.82 -49.42
N PRO D 295 14.59 16.82 -50.67
CA PRO D 295 13.29 17.43 -50.96
C PRO D 295 12.14 16.52 -50.59
N LEU D 296 11.03 17.14 -50.19
CA LEU D 296 9.81 16.44 -49.85
C LEU D 296 8.87 16.50 -51.05
N LYS D 297 8.61 15.35 -51.66
CA LYS D 297 7.83 15.24 -52.88
C LYS D 297 6.61 14.39 -52.60
N ALA D 298 5.43 14.89 -52.96
CA ALA D 298 4.20 14.19 -52.61
C ALA D 298 3.14 14.41 -53.67
N ILE D 299 2.21 13.46 -53.74
CA ILE D 299 1.02 13.53 -54.58
C ILE D 299 -0.17 13.08 -53.76
N PHE D 300 -1.36 13.47 -54.21
CA PHE D 300 -2.59 13.18 -53.48
C PHE D 300 -3.36 12.06 -54.18
N PHE D 301 -3.96 11.19 -53.37
CA PHE D 301 -4.81 10.11 -53.87
C PHE D 301 -6.14 10.11 -53.12
N PHE D 302 -7.24 10.05 -53.86
CA PHE D 302 -8.58 10.13 -53.28
C PHE D 302 -9.37 8.87 -53.59
N SER D 303 -10.14 8.42 -52.58
CA SER D 303 -10.93 7.20 -52.74
C SER D 303 -12.09 7.40 -53.72
N SER D 304 -12.77 8.54 -53.63
CA SER D 304 -13.89 8.80 -54.52
C SER D 304 -14.03 10.30 -54.74
N LYS D 305 -15.02 10.66 -55.56
CA LYS D 305 -15.25 12.06 -55.91
C LYS D 305 -15.90 12.83 -54.76
N LYS D 306 -16.93 12.23 -54.15
CA LYS D 306 -17.60 12.86 -53.02
C LYS D 306 -16.63 13.17 -51.90
N GLN D 307 -15.61 12.32 -51.72
CA GLN D 307 -14.59 12.58 -50.72
C GLN D 307 -13.76 13.80 -51.09
N PHE D 308 -13.36 13.91 -52.36
CA PHE D 308 -12.58 15.05 -52.81
C PHE D 308 -13.33 16.35 -52.58
N PHE D 309 -14.56 16.43 -53.07
CA PHE D 309 -15.33 17.66 -52.89
C PHE D 309 -15.61 17.92 -51.42
N GLU D 310 -15.84 16.86 -50.65
CA GLU D 310 -16.18 17.00 -49.24
C GLU D 310 -15.03 17.57 -48.42
N VAL D 311 -13.81 17.09 -48.65
CA VAL D 311 -12.64 17.50 -47.88
C VAL D 311 -11.83 18.58 -48.60
N GLN D 312 -12.34 19.12 -49.71
CA GLN D 312 -11.57 20.06 -50.51
C GLN D 312 -11.23 21.33 -49.73
N LYS D 313 -12.18 21.84 -48.95
CA LYS D 313 -11.96 23.09 -48.23
C LYS D 313 -10.81 22.96 -47.24
N SER D 314 -10.89 21.99 -46.33
CA SER D 314 -9.83 21.80 -45.34
C SER D 314 -8.53 21.40 -46.01
N LEU D 315 -8.60 20.69 -47.14
CA LEU D 315 -7.37 20.32 -47.83
C LEU D 315 -6.65 21.54 -48.36
N LYS D 316 -7.39 22.45 -49.01
CA LYS D 316 -6.78 23.68 -49.50
C LYS D 316 -6.27 24.53 -48.35
N GLU D 317 -7.00 24.55 -47.25
CA GLU D 317 -6.58 25.35 -46.10
C GLU D 317 -5.30 24.81 -45.48
N LEU D 318 -5.15 23.49 -45.38
CA LEU D 318 -3.98 22.91 -44.74
C LEU D 318 -2.76 22.86 -45.67
N PHE D 319 -2.98 22.54 -46.94
CA PHE D 319 -1.89 22.17 -47.84
C PHE D 319 -1.47 23.27 -48.81
N HIS D 320 -2.38 24.17 -49.19
CA HIS D 320 -2.04 25.20 -50.16
C HIS D 320 -1.40 26.43 -49.52
N ASN D 321 -1.69 26.67 -48.24
CA ASN D 321 -1.06 27.77 -47.53
C ASN D 321 0.43 27.51 -47.43
N LYS D 322 1.24 28.32 -48.12
CA LYS D 322 2.68 28.11 -48.14
C LYS D 322 3.28 28.09 -46.74
N HIS D 323 2.66 28.78 -45.79
CA HIS D 323 3.06 28.74 -44.40
C HIS D 323 1.93 28.08 -43.61
N SER D 324 2.15 26.81 -43.29
CA SER D 324 1.18 25.99 -42.56
C SER D 324 1.96 24.99 -41.74
N VAL D 325 1.25 24.32 -40.82
CA VAL D 325 1.94 23.42 -39.90
C VAL D 325 2.63 22.29 -40.67
N PHE D 326 2.10 21.93 -41.84
CA PHE D 326 2.78 20.94 -42.68
C PHE D 326 4.07 21.50 -43.24
N TYR D 327 4.00 22.68 -43.88
CA TYR D 327 5.21 23.32 -44.41
C TYR D 327 6.15 23.74 -43.30
N ARG D 328 5.62 24.37 -42.25
CA ARG D 328 6.47 24.76 -41.13
C ARG D 328 7.17 23.54 -40.54
N ALA D 329 6.45 22.44 -40.37
CA ALA D 329 7.09 21.22 -39.88
C ALA D 329 8.16 20.74 -40.85
N ALA D 330 7.88 20.76 -42.15
CA ALA D 330 8.86 20.34 -43.14
C ALA D 330 10.14 21.16 -43.04
N ALA D 331 10.01 22.47 -42.83
CA ALA D 331 11.19 23.32 -42.67
C ALA D 331 11.91 23.03 -41.35
N GLU D 332 11.15 22.80 -40.28
CA GLU D 332 11.76 22.50 -38.98
C GLU D 332 12.58 21.20 -39.03
N LEU D 333 12.14 20.21 -39.81
CA LEU D 333 12.92 18.98 -39.98
C LEU D 333 14.01 19.10 -41.03
N GLY D 334 14.14 20.23 -41.71
CA GLY D 334 15.27 20.44 -42.60
C GLY D 334 15.15 19.87 -44.00
N PHE D 335 13.93 19.75 -44.53
CA PHE D 335 13.78 19.29 -45.90
C PHE D 335 14.19 20.38 -46.88
N SER D 336 14.78 19.94 -48.01
CA SER D 336 15.27 20.87 -49.01
C SER D 336 14.13 21.74 -49.56
N LYS D 337 13.02 21.12 -49.93
CA LYS D 337 11.86 21.85 -50.43
C LYS D 337 10.65 20.92 -50.41
N VAL D 338 9.47 21.52 -50.48
CA VAL D 338 8.21 20.79 -50.58
C VAL D 338 7.65 21.02 -51.98
N GLU D 339 7.48 19.94 -52.73
CA GLU D 339 7.00 20.03 -54.10
C GLU D 339 5.89 19.00 -54.32
N PHE D 340 4.85 19.42 -55.02
CA PHE D 340 3.71 18.57 -55.35
C PHE D 340 3.74 18.26 -56.84
N LEU D 341 3.88 16.99 -57.18
CA LEU D 341 3.94 16.60 -58.59
C LEU D 341 2.58 16.75 -59.23
N ARG D 342 2.57 17.06 -60.52
CA ARG D 342 1.34 17.37 -61.23
C ARG D 342 1.27 16.53 -62.51
N ASP D 343 0.04 16.24 -62.93
CA ASP D 343 -0.17 15.43 -64.13
C ASP D 343 0.37 16.13 -65.36
N SER D 344 0.88 15.34 -66.31
CA SER D 344 1.43 15.89 -67.54
C SER D 344 0.35 16.58 -68.36
N LYS D 345 -0.80 15.91 -68.51
CA LYS D 345 -1.93 16.44 -69.24
C LYS D 345 -2.53 17.70 -68.64
N THR D 346 -3.07 17.55 -67.44
CA THR D 346 -3.71 18.63 -66.70
C THR D 346 -2.86 18.91 -65.47
N LYS D 347 -2.72 20.19 -65.13
CA LYS D 347 -1.96 20.57 -63.95
C LYS D 347 -2.40 20.03 -62.59
N SER D 348 -3.43 19.17 -62.59
CA SER D 348 -3.91 18.53 -61.37
C SER D 348 -2.94 17.78 -60.48
N SER D 349 -2.88 18.18 -59.21
CA SER D 349 -2.07 17.50 -58.22
C SER D 349 -2.87 16.44 -57.45
N ALA D 350 -4.15 16.30 -57.73
CA ALA D 350 -4.99 15.28 -57.10
C ALA D 350 -5.22 14.13 -58.06
N PHE D 351 -5.10 12.90 -57.55
CA PHE D 351 -5.29 11.69 -58.34
C PHE D 351 -6.35 10.83 -57.66
N LEU D 352 -6.84 9.84 -58.40
CA LEU D 352 -7.96 9.02 -57.96
C LEU D 352 -7.56 7.55 -57.94
N TYR D 353 -8.06 6.82 -56.95
CA TYR D 353 -7.83 5.38 -56.84
C TYR D 353 -9.15 4.68 -56.55
N ASN D 354 -9.18 3.37 -56.82
CA ASN D 354 -10.37 2.56 -56.62
C ASN D 354 -10.43 2.08 -55.17
N PRO D 355 -11.55 2.30 -54.46
CA PRO D 355 -11.61 1.85 -53.06
C PRO D 355 -11.60 0.34 -52.91
N GLU D 356 -12.25 -0.39 -53.82
CA GLU D 356 -12.38 -1.84 -53.65
C GLU D 356 -11.04 -2.54 -53.79
N GLU D 357 -10.28 -2.21 -54.82
CA GLU D 357 -9.02 -2.87 -55.09
C GLU D 357 -7.80 -2.06 -54.64
N PHE D 358 -7.97 -0.79 -54.29
CA PHE D 358 -6.86 0.07 -53.90
C PHE D 358 -5.80 0.09 -55.00
N THR D 359 -6.28 0.17 -56.24
CA THR D 359 -5.41 0.26 -57.42
C THR D 359 -5.65 1.60 -58.08
N VAL D 360 -4.59 2.25 -58.45
CA VAL D 360 -4.70 3.46 -59.25
C VAL D 360 -4.60 3.01 -60.69
N LYS D 361 -5.27 3.75 -61.58
CA LYS D 361 -5.13 3.49 -63.00
C LYS D 361 -3.66 3.55 -63.40
N ASN D 362 -3.22 2.60 -64.20
CA ASN D 362 -1.87 2.69 -64.73
C ASN D 362 -1.84 3.88 -65.69
N THR D 363 -1.23 4.98 -65.25
CA THR D 363 -1.20 6.20 -66.04
C THR D 363 0.21 6.48 -66.52
N GLU D 364 0.27 7.22 -67.63
CA GLU D 364 1.55 7.62 -68.20
C GLU D 364 2.39 8.36 -67.17
N PHE D 365 1.77 9.26 -66.40
CA PHE D 365 2.53 10.01 -65.41
C PHE D 365 3.05 9.11 -64.30
N ILE D 366 2.19 8.22 -63.79
CA ILE D 366 2.55 7.40 -62.63
C ILE D 366 3.63 6.39 -62.96
N ASN D 367 3.62 5.85 -64.19
CA ASN D 367 4.50 4.74 -64.53
C ASN D 367 5.97 5.09 -64.39
N GLN D 368 6.38 6.26 -64.92
CA GLN D 368 7.77 6.70 -64.85
C GLN D 368 8.00 7.74 -63.76
N ILE D 369 7.38 7.58 -62.59
CA ILE D 369 7.53 8.57 -61.53
C ILE D 369 8.95 8.52 -60.92
N GLU D 370 9.29 9.60 -60.21
CA GLU D 370 10.59 9.73 -59.58
C GLU D 370 10.70 8.79 -58.39
N ASP D 371 11.89 8.74 -57.79
CA ASP D 371 12.22 7.64 -56.88
C ASP D 371 11.57 7.82 -55.51
N ASN D 372 11.81 8.95 -54.85
CA ASN D 372 11.35 9.18 -53.48
C ASN D 372 10.20 10.18 -53.50
N VAL D 373 8.97 9.69 -53.51
CA VAL D 373 7.78 10.52 -53.50
C VAL D 373 6.79 9.93 -52.50
N MET D 374 6.00 10.80 -51.89
CA MET D 374 5.01 10.41 -50.88
C MET D 374 3.63 10.32 -51.50
N ALA D 375 2.98 9.17 -51.35
CA ALA D 375 1.59 9.01 -51.76
C ALA D 375 0.70 9.34 -50.57
N ILE D 376 0.02 10.48 -50.63
CA ILE D 376 -0.91 10.90 -49.59
C ILE D 376 -2.26 10.28 -49.93
N VAL D 377 -2.62 9.22 -49.21
CA VAL D 377 -3.85 8.47 -49.46
C VAL D 377 -4.86 8.82 -48.39
N LEU D 378 -6.03 9.30 -48.82
CA LEU D 378 -7.09 9.70 -47.91
C LEU D 378 -8.10 8.58 -47.75
N LEU D 379 -8.35 8.19 -46.51
CA LEU D 379 -9.26 7.10 -46.18
C LEU D 379 -10.51 7.66 -45.52
N ASP D 380 -11.68 7.24 -46.01
CA ASP D 380 -12.93 7.72 -45.45
C ASP D 380 -13.09 7.27 -44.00
N LYS D 381 -12.73 6.03 -43.70
CA LYS D 381 -12.86 5.48 -42.36
C LYS D 381 -11.79 4.44 -42.14
N TYR D 382 -11.66 3.99 -40.89
CA TYR D 382 -10.82 2.85 -40.59
C TYR D 382 -11.38 1.60 -41.27
N ILE D 383 -10.61 1.02 -42.17
CA ILE D 383 -11.07 -0.15 -42.90
C ILE D 383 -10.55 -1.39 -42.19
N GLY D 384 -11.27 -2.50 -42.37
CA GLY D 384 -10.88 -3.74 -41.71
C GLY D 384 -9.53 -4.25 -42.18
N ASN D 385 -9.32 -4.24 -43.50
CA ASN D 385 -8.13 -4.80 -44.11
C ASN D 385 -7.41 -3.72 -44.89
N ILE D 386 -6.10 -3.59 -44.64
CA ILE D 386 -5.26 -2.63 -45.33
C ILE D 386 -4.30 -3.30 -46.31
N ASP D 387 -4.37 -4.62 -46.44
CA ASP D 387 -3.52 -5.32 -47.39
C ASP D 387 -3.71 -4.88 -48.84
N PRO D 388 -4.93 -4.66 -49.35
CA PRO D 388 -5.04 -4.22 -50.75
C PRO D 388 -4.25 -2.96 -51.08
N LEU D 389 -4.25 -1.97 -50.18
CA LEU D 389 -3.50 -0.75 -50.45
C LEU D 389 -2.01 -1.03 -50.53
N VAL D 390 -1.48 -1.83 -49.59
CA VAL D 390 -0.06 -2.14 -49.58
C VAL D 390 0.33 -2.89 -50.85
N ARG D 391 -0.40 -3.94 -51.18
CA ARG D 391 -0.03 -4.78 -52.32
C ARG D 391 -0.21 -4.05 -53.65
N ASN D 392 -1.33 -3.34 -53.82
CA ASN D 392 -1.72 -2.90 -55.16
C ASN D 392 -1.07 -1.60 -55.61
N PHE D 393 -0.71 -0.71 -54.68
CA PHE D 393 -0.14 0.57 -55.07
C PHE D 393 1.24 0.38 -55.70
N PRO D 394 1.71 1.37 -56.48
CA PRO D 394 3.02 1.27 -57.11
C PRO D 394 4.15 1.00 -56.12
N ASP D 395 5.16 0.26 -56.59
CA ASP D 395 6.25 -0.15 -55.72
C ASP D 395 7.13 1.03 -55.33
N ASN D 396 7.48 1.86 -56.30
CA ASN D 396 8.41 2.97 -56.09
C ASN D 396 7.73 4.19 -55.49
N LEU D 397 6.86 3.98 -54.50
CA LEU D 397 6.14 5.07 -53.85
C LEU D 397 6.04 4.78 -52.36
N ILE D 398 6.24 5.81 -51.56
CA ILE D 398 6.07 5.72 -50.11
C ILE D 398 4.63 6.03 -49.77
N LEU D 399 3.96 5.10 -49.10
CA LEU D 399 2.53 5.22 -48.83
C LEU D 399 2.33 5.90 -47.48
N GLN D 400 1.55 6.98 -47.49
CA GLN D 400 1.24 7.73 -46.27
C GLN D 400 -0.28 7.90 -46.19
N PRO D 401 -0.97 6.88 -45.67
CA PRO D 401 -2.42 7.03 -45.48
C PRO D 401 -2.73 7.91 -44.29
N ILE D 402 -3.82 8.67 -44.42
CA ILE D 402 -4.31 9.51 -43.33
C ILE D 402 -5.83 9.44 -43.31
N LEU D 403 -6.39 9.42 -42.10
CA LEU D 403 -7.84 9.41 -41.94
C LEU D 403 -8.42 10.79 -42.19
N LYS D 404 -9.62 10.82 -42.79
CA LYS D 404 -10.30 12.07 -43.08
C LYS D 404 -10.62 12.86 -41.81
N GLU D 405 -11.07 12.15 -40.77
CA GLU D 405 -11.50 12.80 -39.54
C GLU D 405 -10.36 13.61 -38.91
N LYS D 406 -9.14 13.08 -38.98
CA LYS D 406 -7.99 13.83 -38.47
C LYS D 406 -7.71 15.06 -39.34
N LEU D 407 -7.97 14.96 -40.64
CA LEU D 407 -7.75 16.10 -41.52
C LEU D 407 -8.77 17.21 -41.27
N GLU D 408 -10.01 16.85 -40.96
CA GLU D 408 -11.06 17.87 -40.82
C GLU D 408 -10.79 18.77 -39.61
N ASP D 409 -10.53 18.18 -38.45
CA ASP D 409 -10.25 18.93 -37.23
C ASP D 409 -8.83 18.56 -36.80
N ILE D 410 -7.88 19.41 -37.21
CA ILE D 410 -6.47 19.04 -37.09
C ILE D 410 -5.95 19.35 -35.69
N LYS D 411 -5.04 18.51 -35.24
CA LYS D 411 -4.23 18.71 -34.05
C LYS D 411 -2.78 18.86 -34.49
N PRO D 412 -2.10 19.94 -34.11
CA PRO D 412 -0.77 20.20 -34.68
C PRO D 412 0.20 19.02 -34.55
N PHE D 413 0.26 18.39 -33.37
CA PHE D 413 1.21 17.31 -33.17
C PHE D 413 0.92 16.10 -34.05
N ILE D 414 -0.33 15.94 -34.48
CA ILE D 414 -0.67 14.84 -35.39
C ILE D 414 -0.03 15.05 -36.76
N ILE D 415 -0.20 16.26 -37.33
CA ILE D 415 0.41 16.57 -38.62
C ILE D 415 1.92 16.53 -38.49
N LYS D 416 2.46 17.08 -37.41
CA LYS D 416 3.90 17.03 -37.19
C LYS D 416 4.40 15.59 -37.14
N SER D 417 3.64 14.72 -36.49
CA SER D 417 3.99 13.29 -36.49
C SER D 417 3.95 12.72 -37.89
N TYR D 418 2.99 13.16 -38.71
CA TYR D 418 2.87 12.70 -40.08
C TYR D 418 4.11 13.07 -40.90
N VAL D 419 4.50 14.34 -40.83
CA VAL D 419 5.70 14.79 -41.53
C VAL D 419 6.93 14.06 -41.02
N TYR D 420 6.99 13.80 -39.71
CA TYR D 420 8.11 13.06 -39.16
C TYR D 420 8.18 11.64 -39.74
N LYS D 421 7.01 10.99 -39.89
CA LYS D 421 6.97 9.67 -40.52
C LYS D 421 7.51 9.74 -41.94
N MET D 422 7.05 10.73 -42.72
CA MET D 422 7.61 10.95 -44.04
C MET D 422 9.13 11.07 -43.97
N GLY D 423 9.64 11.77 -42.95
CA GLY D 423 11.08 11.88 -42.79
C GLY D 423 11.75 10.54 -42.56
N ASN D 424 11.13 9.66 -41.78
CA ASN D 424 11.73 8.35 -41.54
C ASN D 424 11.80 7.53 -42.81
N PHE D 425 10.74 7.56 -43.62
CA PHE D 425 10.70 6.66 -44.76
C PHE D 425 11.66 7.05 -45.88
N ILE D 426 12.17 8.28 -45.89
CA ILE D 426 13.21 8.64 -46.85
C ILE D 426 14.50 7.97 -46.39
N PRO D 427 15.15 7.16 -47.24
CA PRO D 427 16.37 6.47 -46.77
C PRO D 427 17.52 7.41 -46.48
N GLU D 428 17.66 8.49 -47.25
CA GLU D 428 18.80 9.38 -47.08
C GLU D 428 18.71 10.17 -45.79
N CYS D 429 17.52 10.54 -45.36
CA CYS D 429 17.38 11.31 -44.13
C CYS D 429 17.63 10.44 -42.91
N LYS D 430 18.28 11.02 -41.92
CA LYS D 430 18.48 10.39 -40.61
C LYS D 430 17.98 11.37 -39.57
N PRO D 431 16.86 11.08 -38.89
CA PRO D 431 16.31 12.07 -37.96
C PRO D 431 17.24 12.45 -36.82
N PHE D 432 17.89 11.47 -36.20
CA PHE D 432 18.78 11.74 -35.08
C PHE D 432 19.65 10.52 -34.83
N ILE D 433 20.73 10.73 -34.08
CA ILE D 433 21.56 9.65 -33.58
C ILE D 433 21.76 9.86 -32.08
N LEU D 434 21.85 8.75 -31.35
CA LEU D 434 22.07 8.83 -29.92
C LEU D 434 23.53 9.11 -29.63
N LYS D 435 23.80 10.16 -28.85
CA LYS D 435 25.19 10.51 -28.54
C LYS D 435 25.90 9.36 -27.84
N LYS D 436 25.17 8.60 -27.02
CA LYS D 436 25.73 7.43 -26.36
C LYS D 436 26.01 6.30 -27.34
N MET D 437 25.37 6.32 -28.50
CA MET D 437 25.44 5.24 -29.47
C MET D 437 26.40 5.53 -30.62
N GLU D 438 27.04 6.71 -30.61
CA GLU D 438 27.84 7.11 -31.76
C GLU D 438 29.06 6.23 -31.97
N ASP D 439 29.73 5.83 -30.89
CA ASP D 439 30.95 5.04 -31.00
C ASP D 439 30.69 3.55 -31.20
N LYS D 440 29.44 3.13 -31.34
CA LYS D 440 29.09 1.71 -31.51
C LYS D 440 29.04 1.13 -32.92
N GLU D 441 29.69 1.79 -33.88
CA GLU D 441 29.76 1.23 -35.22
C GLU D 441 30.14 -0.24 -35.42
N LYS D 442 30.94 -0.80 -34.52
CA LYS D 442 31.34 -2.20 -34.66
C LYS D 442 30.18 -3.16 -34.44
N ASN D 443 29.21 -2.78 -33.61
CA ASN D 443 28.17 -3.71 -33.19
C ASN D 443 27.05 -3.81 -34.21
N LEU D 444 26.55 -5.04 -34.39
CA LEU D 444 25.39 -5.34 -35.23
C LEU D 444 24.29 -5.87 -34.34
N TYR D 445 23.10 -5.27 -34.41
CA TYR D 445 22.01 -5.59 -33.48
C TYR D 445 20.92 -6.35 -34.20
N ILE D 446 20.66 -7.58 -33.76
CA ILE D 446 19.67 -8.45 -34.40
C ILE D 446 18.60 -8.81 -33.38
N GLY D 447 17.35 -8.77 -33.82
CA GLY D 447 16.22 -9.20 -33.01
C GLY D 447 15.55 -10.37 -33.68
N ILE D 448 15.22 -11.37 -32.86
CA ILE D 448 14.65 -12.64 -33.31
C ILE D 448 13.33 -12.89 -32.59
N ASP D 449 12.33 -13.33 -33.35
CA ASP D 449 11.09 -13.87 -32.83
C ASP D 449 10.92 -15.23 -33.47
N LEU D 450 10.86 -16.26 -32.64
CA LEU D 450 10.70 -17.65 -33.08
C LEU D 450 9.48 -18.27 -32.42
N SER D 451 8.59 -18.82 -33.24
CA SER D 451 7.42 -19.54 -32.78
C SER D 451 7.57 -21.01 -33.19
N HIS D 452 7.43 -21.91 -32.23
CA HIS D 452 7.41 -23.35 -32.49
C HIS D 452 6.10 -23.93 -32.00
N ASP D 453 5.48 -24.77 -32.83
CA ASP D 453 4.28 -25.51 -32.47
C ASP D 453 4.64 -26.99 -32.44
N THR D 454 4.57 -27.60 -31.26
CA THR D 454 4.75 -29.04 -31.17
C THR D 454 3.59 -29.77 -31.83
N TYR D 455 2.39 -29.21 -31.72
CA TYR D 455 1.19 -29.84 -32.27
C TYR D 455 1.24 -29.83 -33.79
N ALA D 456 1.40 -28.66 -34.40
CA ALA D 456 1.57 -28.57 -35.83
C ALA D 456 2.99 -28.96 -36.22
N ARG D 457 3.21 -29.12 -37.52
CA ARG D 457 4.55 -29.39 -38.02
C ARG D 457 5.29 -28.11 -38.38
N LYS D 458 4.71 -26.95 -38.10
CA LYS D 458 5.16 -25.70 -38.70
C LYS D 458 5.79 -24.77 -37.65
N THR D 459 6.92 -24.16 -38.02
CA THR D 459 7.63 -23.23 -37.16
C THR D 459 7.86 -21.92 -37.91
N ASN D 460 7.65 -20.80 -37.23
CA ASN D 460 7.81 -19.48 -37.83
C ASN D 460 9.04 -18.79 -37.26
N LEU D 461 9.82 -18.18 -38.15
CA LEU D 461 11.05 -17.48 -37.77
C LEU D 461 11.03 -16.09 -38.38
N CYS D 462 11.39 -15.07 -37.59
CA CYS D 462 11.53 -13.73 -38.14
C CYS D 462 12.66 -13.02 -37.43
N ILE D 463 13.52 -12.33 -38.19
CA ILE D 463 14.65 -11.60 -37.63
C ILE D 463 14.77 -10.24 -38.33
N ALA D 464 15.43 -9.32 -37.62
CA ALA D 464 15.69 -7.98 -38.13
C ALA D 464 17.05 -7.52 -37.62
N ALA D 465 17.75 -6.73 -38.45
CA ALA D 465 19.08 -6.24 -38.11
C ALA D 465 19.13 -4.73 -38.27
N VAL D 466 19.69 -4.06 -37.26
CA VAL D 466 19.87 -2.61 -37.27
C VAL D 466 21.29 -2.30 -36.82
N ASP D 467 21.74 -1.11 -37.19
CA ASP D 467 23.03 -0.56 -36.81
C ASP D 467 22.86 0.50 -35.72
N ASN D 468 23.96 1.16 -35.35
CA ASN D 468 23.97 2.12 -34.26
C ASN D 468 23.05 3.30 -34.53
N THR D 469 23.04 3.80 -35.77
CA THR D 469 22.22 4.96 -36.10
C THR D 469 20.74 4.66 -35.92
N GLY D 470 20.33 3.43 -36.26
CA GLY D 470 18.92 3.06 -36.31
C GLY D 470 18.47 2.59 -37.66
N ASP D 471 19.33 2.64 -38.67
CA ASP D 471 18.96 2.15 -40.00
C ASP D 471 18.74 0.65 -39.96
N ILE D 472 17.72 0.20 -40.67
CA ILE D 472 17.35 -1.22 -40.74
C ILE D 472 18.20 -1.85 -41.83
N LEU D 473 19.16 -2.69 -41.44
CA LEU D 473 20.06 -3.28 -42.42
C LEU D 473 19.40 -4.40 -43.22
N TYR D 474 18.64 -5.25 -42.57
CA TYR D 474 18.02 -6.38 -43.26
C TYR D 474 16.86 -6.91 -42.42
N ILE D 475 15.86 -7.46 -43.10
CA ILE D 475 14.72 -8.09 -42.45
C ILE D 475 14.45 -9.41 -43.14
N GLY D 476 14.29 -10.47 -42.34
CA GLY D 476 14.04 -11.79 -42.88
C GLY D 476 12.86 -12.47 -42.22
N LYS D 477 11.87 -12.85 -43.02
CA LYS D 477 10.65 -13.48 -42.52
C LYS D 477 10.43 -14.82 -43.21
N HIS D 478 10.18 -15.85 -42.40
CA HIS D 478 9.81 -17.18 -42.88
C HIS D 478 8.64 -17.66 -42.03
N LYS D 479 7.56 -18.06 -42.67
CA LYS D 479 6.39 -18.57 -41.96
C LYS D 479 6.10 -20.00 -42.38
N ASN D 480 5.58 -20.78 -41.42
CA ASN D 480 5.07 -22.12 -41.67
C ASN D 480 6.15 -23.06 -42.19
N LEU D 481 7.35 -22.96 -41.60
CA LEU D 481 8.44 -23.86 -41.95
C LEU D 481 8.25 -25.20 -41.25
N GLU D 482 8.59 -26.28 -41.96
CA GLU D 482 8.51 -27.62 -41.38
C GLU D 482 9.41 -27.73 -40.16
N LEU D 483 8.84 -28.17 -39.05
CA LEU D 483 9.63 -28.40 -37.84
C LEU D 483 10.67 -29.48 -38.10
N ASN D 484 11.93 -29.14 -37.93
CA ASN D 484 13.04 -30.04 -38.15
C ASN D 484 13.76 -30.32 -36.83
N GLU D 485 14.59 -31.35 -36.84
CA GLU D 485 15.41 -31.64 -35.67
C GLU D 485 16.30 -30.43 -35.35
N LYS D 486 16.49 -30.18 -34.07
CA LYS D 486 17.25 -29.03 -33.58
C LYS D 486 16.64 -27.71 -34.03
N MET D 487 15.30 -27.69 -34.17
CA MET D 487 14.49 -26.49 -34.08
C MET D 487 14.68 -25.52 -35.25
N ASN D 488 14.96 -26.03 -36.44
CA ASN D 488 15.06 -25.19 -37.65
C ASN D 488 16.07 -24.06 -37.47
N LEU D 489 17.21 -24.38 -36.85
CA LEU D 489 18.25 -23.38 -36.67
C LEU D 489 19.04 -23.12 -37.95
N ASP D 490 18.92 -24.00 -38.94
CA ASP D 490 19.60 -23.79 -40.22
C ASP D 490 19.10 -22.54 -40.91
N ILE D 491 17.77 -22.38 -41.01
CA ILE D 491 17.18 -21.17 -41.58
C ILE D 491 17.70 -19.94 -40.85
N LEU D 492 17.82 -20.03 -39.52
CA LEU D 492 18.35 -18.91 -38.75
C LEU D 492 19.80 -18.63 -39.12
N GLU D 493 20.57 -19.68 -39.42
CA GLU D 493 21.95 -19.48 -39.85
C GLU D 493 22.00 -18.75 -41.18
N LYS D 494 21.17 -19.17 -42.14
CA LYS D 494 21.13 -18.50 -43.44
C LYS D 494 20.75 -17.02 -43.29
N GLU D 495 19.66 -16.76 -42.58
CA GLU D 495 19.19 -15.39 -42.42
C GLU D 495 20.23 -14.53 -41.70
N TYR D 496 20.85 -15.08 -40.65
CA TYR D 496 21.92 -14.37 -39.96
C TYR D 496 23.05 -14.04 -40.93
N ILE D 497 23.40 -14.99 -41.81
CA ILE D 497 24.44 -14.71 -42.81
C ILE D 497 24.02 -13.55 -43.70
N LYS D 498 22.75 -13.52 -44.12
CA LYS D 498 22.31 -12.43 -45.00
C LYS D 498 22.40 -11.07 -44.30
N ALA D 499 21.97 -10.99 -43.04
CA ALA D 499 22.08 -9.71 -42.31
C ALA D 499 23.55 -9.32 -42.16
N PHE D 500 24.41 -10.30 -41.85
CA PHE D 500 25.85 -10.08 -41.79
C PHE D 500 26.33 -9.42 -43.08
N GLU D 501 25.90 -9.98 -44.23
CA GLU D 501 26.29 -9.42 -45.52
C GLU D 501 25.77 -8.01 -45.72
N LYS D 502 24.58 -7.70 -45.21
CA LYS D 502 24.08 -6.33 -45.34
C LYS D 502 24.95 -5.35 -44.55
N TYR D 503 25.38 -5.76 -43.35
CA TYR D 503 26.28 -4.91 -42.59
C TYR D 503 27.57 -4.69 -43.38
N ILE D 504 28.12 -5.77 -43.94
CA ILE D 504 29.34 -5.66 -44.73
C ILE D 504 29.13 -4.74 -45.93
N GLU D 505 27.93 -4.76 -46.52
CA GLU D 505 27.64 -3.84 -47.62
C GLU D 505 27.71 -2.39 -47.16
N LYS D 506 27.10 -2.08 -46.02
CA LYS D 506 27.03 -0.68 -45.64
C LYS D 506 28.37 -0.16 -45.14
N PHE D 507 29.13 -0.98 -44.41
CA PHE D 507 30.36 -0.49 -43.77
C PHE D 507 31.64 -1.08 -44.34
N ASN D 508 31.55 -2.09 -45.21
CA ASN D 508 32.71 -2.72 -45.84
C ASN D 508 33.69 -3.30 -44.82
N VAL D 509 33.19 -3.61 -43.62
CA VAL D 509 33.96 -4.29 -42.59
C VAL D 509 33.03 -5.31 -41.94
N SER D 510 33.61 -6.40 -41.45
CA SER D 510 32.82 -7.33 -40.65
C SER D 510 32.59 -6.76 -39.25
N PRO D 511 31.39 -6.91 -38.71
CA PRO D 511 31.11 -6.36 -37.37
C PRO D 511 31.91 -7.11 -36.30
N GLU D 512 32.54 -6.34 -35.42
CA GLU D 512 33.35 -6.94 -34.37
C GLU D 512 32.49 -7.60 -33.29
N ASN D 513 31.32 -7.05 -33.00
CA ASN D 513 30.43 -7.57 -31.98
C ASN D 513 29.03 -7.72 -32.53
N VAL D 514 28.40 -8.86 -32.24
CA VAL D 514 27.03 -9.15 -32.66
C VAL D 514 26.16 -9.31 -31.42
N PHE D 515 25.02 -8.62 -31.42
CA PHE D 515 24.04 -8.67 -30.34
C PHE D 515 22.83 -9.44 -30.84
N ILE D 516 22.48 -10.51 -30.14
CA ILE D 516 21.35 -11.35 -30.52
C ILE D 516 20.30 -11.22 -29.42
N LEU D 517 19.17 -10.62 -29.75
CA LEU D 517 18.08 -10.38 -28.80
C LEU D 517 16.92 -11.29 -29.17
N ARG D 518 16.47 -12.10 -28.22
CA ARG D 518 15.40 -13.05 -28.46
C ARG D 518 14.15 -12.67 -27.68
N ALA D 519 13.01 -12.67 -28.37
CA ALA D 519 11.74 -12.54 -27.69
C ALA D 519 11.44 -13.85 -26.97
N GLY D 520 11.27 -13.80 -25.65
CA GLY D 520 11.07 -15.01 -24.89
C GLY D 520 12.39 -15.66 -24.52
N ARG D 521 12.31 -16.96 -24.20
CA ARG D 521 13.48 -17.73 -23.81
C ARG D 521 14.05 -18.46 -25.03
N PHE D 522 15.35 -18.78 -24.96
CA PHE D 522 16.05 -19.56 -25.98
C PHE D 522 15.74 -21.03 -25.74
N ILE D 523 14.66 -21.53 -26.38
CA ILE D 523 14.35 -22.95 -26.27
C ILE D 523 15.21 -23.80 -27.19
N GLU D 524 15.86 -23.22 -28.19
CA GLU D 524 16.71 -23.95 -29.10
C GLU D 524 18.08 -24.23 -28.48
N ASP D 525 18.81 -25.13 -29.12
CA ASP D 525 20.16 -25.50 -28.66
C ASP D 525 21.07 -24.29 -28.86
N ILE D 526 21.50 -23.68 -27.75
CA ILE D 526 22.28 -22.45 -27.82
C ILE D 526 23.67 -22.70 -28.42
N GLU D 527 24.24 -23.88 -28.20
CA GLU D 527 25.59 -24.17 -28.68
C GLU D 527 25.66 -24.12 -30.20
N ILE D 528 24.58 -24.50 -30.89
CA ILE D 528 24.56 -24.40 -32.35
C ILE D 528 24.69 -22.95 -32.78
N ILE D 529 23.87 -22.08 -32.16
CA ILE D 529 23.89 -20.66 -32.52
C ILE D 529 25.28 -20.08 -32.29
N LYS D 530 25.82 -20.29 -31.08
CA LYS D 530 27.16 -19.81 -30.79
C LYS D 530 28.17 -20.37 -31.78
N ASN D 531 27.97 -21.62 -32.22
CA ASN D 531 28.89 -22.21 -33.17
C ASN D 531 28.86 -21.49 -34.51
N PHE D 532 27.69 -21.35 -35.12
CA PHE D 532 27.67 -20.82 -36.48
C PHE D 532 27.95 -19.32 -36.49
N ILE D 533 27.59 -18.59 -35.43
CA ILE D 533 28.00 -17.19 -35.37
C ILE D 533 29.50 -17.07 -35.11
N SER D 534 30.06 -17.98 -34.30
CA SER D 534 31.48 -17.89 -33.96
C SER D 534 32.39 -18.53 -35.01
N TYR D 535 31.86 -18.91 -36.18
CA TYR D 535 32.72 -19.34 -37.27
C TYR D 535 33.76 -18.27 -37.57
N ASN D 536 33.36 -17.00 -37.50
CA ASN D 536 34.10 -15.90 -38.09
C ASN D 536 34.89 -15.11 -37.06
N ASP D 537 35.20 -15.71 -35.90
CA ASP D 537 35.94 -15.03 -34.85
C ASP D 537 35.25 -13.71 -34.47
N THR D 538 33.92 -13.73 -34.48
CA THR D 538 33.13 -12.55 -34.15
C THR D 538 32.64 -12.66 -32.72
N LYS D 539 32.96 -11.64 -31.91
CA LYS D 539 32.47 -11.59 -30.53
C LYS D 539 30.95 -11.46 -30.53
N TYR D 540 30.31 -12.14 -29.59
CA TYR D 540 28.86 -12.23 -29.54
C TYR D 540 28.34 -12.00 -28.12
N THR D 541 27.07 -11.57 -28.06
CA THR D 541 26.34 -11.56 -26.80
C THR D 541 24.91 -12.03 -27.06
N LEU D 542 24.46 -12.97 -26.23
CA LEU D 542 23.14 -13.58 -26.34
C LEU D 542 22.26 -13.02 -25.23
N VAL D 543 21.14 -12.42 -25.61
CA VAL D 543 20.27 -11.68 -24.70
C VAL D 543 18.85 -12.19 -24.86
N GLU D 544 18.18 -12.43 -23.74
CA GLU D 544 16.79 -12.85 -23.70
C GLU D 544 15.98 -11.69 -23.14
N VAL D 545 14.98 -11.24 -23.89
CA VAL D 545 14.15 -10.12 -23.48
C VAL D 545 12.71 -10.59 -23.35
N ASN D 546 12.12 -10.38 -22.18
CA ASN D 546 10.73 -10.76 -21.91
C ASN D 546 10.01 -9.56 -21.31
N LYS D 547 8.94 -9.12 -21.96
CA LYS D 547 8.18 -7.97 -21.52
C LYS D 547 7.11 -8.29 -20.47
N ASN D 548 6.88 -9.57 -20.18
CA ASN D 548 5.93 -9.99 -19.14
C ASN D 548 6.69 -10.25 -17.85
N THR D 549 6.81 -9.23 -17.02
CA THR D 549 7.42 -9.35 -15.70
C THR D 549 6.44 -8.85 -14.65
N ASN D 550 6.49 -9.48 -13.48
CA ASN D 550 5.57 -9.18 -12.39
C ASN D 550 6.18 -8.24 -11.35
N ILE D 551 7.45 -7.91 -11.50
CA ILE D 551 8.17 -7.07 -10.53
C ILE D 551 7.92 -5.61 -10.87
N ASN D 552 7.45 -4.85 -9.88
CA ASN D 552 7.09 -3.45 -10.09
C ASN D 552 7.16 -2.74 -8.73
N SER D 553 6.73 -1.49 -8.70
CA SER D 553 6.74 -0.70 -7.47
C SER D 553 5.77 0.46 -7.59
N TYR D 554 5.35 0.98 -6.44
CA TYR D 554 4.58 2.22 -6.43
C TYR D 554 5.46 3.43 -6.68
N ASP D 555 6.75 3.33 -6.36
CA ASP D 555 7.69 4.39 -6.70
C ASP D 555 7.84 4.51 -8.20
N ASP D 556 8.12 5.73 -8.66
CA ASP D 556 8.32 5.95 -10.09
C ASP D 556 9.66 5.34 -10.51
N LEU D 557 9.61 4.38 -11.43
CA LEU D 557 10.81 3.72 -11.92
C LEU D 557 11.02 3.96 -13.42
N LYS D 558 10.29 4.90 -14.00
CA LYS D 558 10.42 5.13 -15.44
C LYS D 558 11.81 5.64 -15.76
N GLU D 559 12.39 5.11 -16.84
CA GLU D 559 13.77 5.39 -17.25
C GLU D 559 14.77 4.91 -16.21
N TRP D 560 14.41 3.86 -15.47
CA TRP D 560 15.27 3.29 -14.45
C TRP D 560 15.54 1.82 -14.74
N ILE D 561 16.72 1.36 -14.33
CA ILE D 561 17.15 -0.03 -14.48
C ILE D 561 17.47 -0.59 -13.09
N ILE D 562 16.87 -1.72 -12.77
CA ILE D 562 17.06 -2.41 -11.51
C ILE D 562 17.79 -3.71 -11.81
N LYS D 563 18.81 -4.02 -11.01
CA LYS D 563 19.60 -5.24 -11.21
C LYS D 563 19.08 -6.29 -10.25
N LEU D 564 18.33 -7.27 -10.78
CA LEU D 564 17.85 -8.36 -9.94
C LEU D 564 18.97 -9.33 -9.60
N ASP D 565 19.69 -9.77 -10.62
CA ASP D 565 20.74 -10.77 -10.50
C ASP D 565 21.92 -10.24 -11.31
N GLU D 566 23.08 -10.90 -11.18
CA GLU D 566 24.27 -10.38 -11.85
C GLU D 566 24.07 -10.30 -13.35
N ASN D 567 23.34 -11.27 -13.91
CA ASN D 567 23.03 -11.27 -15.34
C ASN D 567 21.64 -10.71 -15.65
N THR D 568 20.74 -10.63 -14.68
CA THR D 568 19.34 -10.32 -14.92
C THR D 568 19.00 -8.93 -14.43
N TYR D 569 18.38 -8.14 -15.31
CA TYR D 569 17.99 -6.76 -15.03
C TYR D 569 16.53 -6.56 -15.45
N ILE D 570 15.94 -5.47 -14.97
CA ILE D 570 14.60 -5.05 -15.36
C ILE D 570 14.63 -3.55 -15.57
N TYR D 571 14.21 -3.10 -16.75
CA TYR D 571 14.19 -1.69 -17.07
C TYR D 571 12.74 -1.24 -17.26
N TYR D 572 12.44 -0.01 -16.85
CA TYR D 572 11.09 0.51 -17.00
C TYR D 572 11.10 1.66 -18.00
N PRO D 573 10.54 1.48 -19.20
CA PRO D 573 10.53 2.58 -20.17
C PRO D 573 9.52 3.65 -19.81
N LYS D 574 9.82 4.87 -20.22
CA LYS D 574 8.95 6.00 -19.92
C LYS D 574 7.67 5.94 -20.74
N THR D 575 6.53 5.97 -20.07
CA THR D 575 5.24 5.97 -20.74
C THR D 575 4.25 6.83 -19.95
N PHE D 576 3.23 7.30 -20.65
CA PHE D 576 2.18 8.10 -20.02
C PHE D 576 1.38 7.27 -19.02
N LEU D 577 1.19 5.98 -19.29
CA LEU D 577 0.37 5.11 -18.47
C LEU D 577 1.20 4.47 -17.35
N ASN D 578 0.55 3.60 -16.59
CA ASN D 578 1.19 2.91 -15.47
C ASN D 578 2.43 2.16 -15.94
N GLN D 579 3.53 2.32 -15.19
CA GLN D 579 4.80 1.73 -15.58
C GLN D 579 4.73 0.20 -15.53
N LYS D 580 5.30 -0.43 -16.56
CA LYS D 580 5.43 -1.88 -16.63
C LYS D 580 6.85 -2.21 -17.05
N GLY D 581 7.50 -3.09 -16.28
CA GLY D 581 8.89 -3.40 -16.53
C GLY D 581 9.11 -4.37 -17.67
N VAL D 582 10.37 -4.45 -18.10
CA VAL D 582 10.84 -5.41 -19.09
C VAL D 582 12.09 -6.08 -18.53
N GLU D 583 12.14 -7.41 -18.60
CA GLU D 583 13.24 -8.19 -18.05
C GLU D 583 14.23 -8.57 -19.14
N VAL D 584 15.50 -8.24 -18.90
CA VAL D 584 16.60 -8.54 -19.81
C VAL D 584 17.57 -9.46 -19.10
N LYS D 585 17.94 -10.56 -19.74
CA LYS D 585 18.82 -11.56 -19.13
C LYS D 585 19.90 -11.92 -20.13
N ILE D 586 21.17 -11.77 -19.73
CA ILE D 586 22.32 -12.02 -20.59
C ILE D 586 22.71 -13.49 -20.46
N LEU D 587 22.31 -14.30 -21.43
CA LEU D 587 22.67 -15.72 -21.43
C LEU D 587 24.18 -15.92 -21.60
N GLU D 588 24.76 -15.30 -22.63
CA GLU D 588 26.16 -15.49 -22.95
C GLU D 588 26.77 -14.20 -23.49
N ASN D 589 28.04 -13.99 -23.18
CA ASN D 589 28.77 -12.82 -23.66
C ASN D 589 30.24 -13.21 -23.74
N ASN D 590 30.85 -13.07 -24.92
CA ASN D 590 32.28 -13.21 -25.08
C ASN D 590 32.94 -11.92 -25.58
N THR D 591 32.20 -10.82 -25.62
CA THR D 591 32.73 -9.54 -26.07
C THR D 591 33.50 -8.85 -24.95
N ASP D 592 34.21 -7.78 -25.31
CA ASP D 592 34.95 -7.01 -24.31
C ASP D 592 34.03 -6.16 -23.45
N TYR D 593 32.77 -5.96 -23.86
CA TYR D 593 31.86 -5.16 -23.08
C TYR D 593 31.50 -5.86 -21.77
N THR D 594 31.33 -5.07 -20.71
CA THR D 594 30.82 -5.59 -19.46
C THR D 594 29.30 -5.72 -19.53
N ILE D 595 28.74 -6.45 -18.56
CA ILE D 595 27.31 -6.69 -18.53
C ILE D 595 26.54 -5.38 -18.41
N GLU D 596 27.03 -4.45 -17.59
CA GLU D 596 26.38 -3.16 -17.45
C GLU D 596 26.35 -2.41 -18.78
N GLU D 597 27.45 -2.44 -19.54
CA GLU D 597 27.48 -1.82 -20.85
C GLU D 597 26.47 -2.47 -21.79
N ILE D 598 26.37 -3.80 -21.75
CA ILE D 598 25.42 -4.53 -22.58
C ILE D 598 24.00 -4.08 -22.27
N ILE D 599 23.65 -4.04 -20.98
CA ILE D 599 22.31 -3.63 -20.57
C ILE D 599 22.02 -2.19 -21.01
N GLU D 600 22.98 -1.29 -20.80
CA GLU D 600 22.77 0.10 -21.22
C GLU D 600 22.52 0.19 -22.72
N GLN D 601 23.26 -0.57 -23.52
CA GLN D 601 23.02 -0.60 -24.96
C GLN D 601 21.64 -1.16 -25.27
N ILE D 602 21.22 -2.20 -24.55
CA ILE D 602 19.88 -2.76 -24.75
C ILE D 602 18.82 -1.70 -24.50
N TYR D 603 18.96 -0.92 -23.42
CA TYR D 603 18.00 0.14 -23.16
C TYR D 603 18.06 1.22 -24.24
N LEU D 604 19.28 1.53 -24.71
CA LEU D 604 19.43 2.55 -25.75
C LEU D 604 18.75 2.14 -27.05
N LEU D 605 18.75 0.84 -27.36
CA LEU D 605 18.15 0.36 -28.60
C LEU D 605 16.67 0.69 -28.71
N THR D 606 15.98 0.89 -27.58
CA THR D 606 14.58 1.32 -27.63
C THR D 606 14.45 2.73 -28.18
N ARG D 607 15.49 3.55 -28.04
CA ARG D 607 15.41 4.97 -28.40
C ARG D 607 16.06 5.30 -29.74
N VAL D 608 16.74 4.33 -30.38
CA VAL D 608 17.44 4.63 -31.63
C VAL D 608 16.49 5.12 -32.70
N ALA D 609 15.22 4.69 -32.65
CA ALA D 609 14.21 5.12 -33.62
C ALA D 609 12.93 5.46 -32.88
N HIS D 610 12.15 6.37 -33.47
CA HIS D 610 10.86 6.80 -32.93
C HIS D 610 9.80 6.67 -34.00
N SER D 611 8.69 6.00 -33.66
CA SER D 611 7.54 5.98 -34.54
C SER D 611 6.97 7.38 -34.71
N THR D 612 6.87 8.13 -33.62
CA THR D 612 6.47 9.52 -33.63
C THR D 612 7.39 10.27 -32.67
N PRO D 613 7.58 11.57 -32.86
CA PRO D 613 8.45 12.32 -31.93
C PRO D 613 7.95 12.36 -30.49
N TYR D 614 6.65 12.17 -30.25
CA TYR D 614 6.11 12.38 -28.91
C TYR D 614 6.00 11.11 -28.06
N THR D 615 6.01 9.93 -28.67
CA THR D 615 6.00 8.69 -27.92
C THR D 615 7.20 7.83 -28.34
N ASN D 616 7.56 6.90 -27.46
CA ASN D 616 8.75 6.08 -27.64
C ASN D 616 8.40 4.60 -27.53
N TYR D 617 9.25 3.76 -28.14
CA TYR D 617 9.08 2.32 -28.09
C TYR D 617 9.50 1.76 -26.73
N LYS D 618 8.85 0.66 -26.33
CA LYS D 618 9.20 0.03 -25.07
C LYS D 618 10.24 -1.09 -25.23
N LEU D 619 10.35 -1.67 -26.42
CA LEU D 619 11.31 -2.73 -26.70
C LEU D 619 12.44 -2.21 -27.57
N PRO D 620 13.59 -2.90 -27.57
CA PRO D 620 14.65 -2.56 -28.52
C PRO D 620 14.15 -2.62 -29.96
N TYR D 621 14.69 -1.74 -30.79
CA TYR D 621 14.22 -1.63 -32.17
C TYR D 621 14.32 -2.95 -32.94
N PRO D 622 15.42 -3.71 -32.90
CA PRO D 622 15.42 -5.01 -33.60
C PRO D 622 14.28 -5.91 -33.18
N LEU D 623 14.03 -6.04 -31.87
CA LEU D 623 12.96 -6.91 -31.41
C LEU D 623 11.60 -6.37 -31.81
N HIS D 624 11.38 -5.05 -31.67
CA HIS D 624 10.11 -4.47 -32.07
C HIS D 624 9.83 -4.74 -33.55
N ILE D 625 10.84 -4.56 -34.41
CA ILE D 625 10.69 -4.85 -35.83
C ILE D 625 10.37 -6.32 -36.03
N ALA D 626 11.10 -7.21 -35.36
CA ALA D 626 10.88 -8.63 -35.52
C ALA D 626 9.44 -9.02 -35.17
N ASN D 627 8.93 -8.49 -34.06
CA ASN D 627 7.58 -8.81 -33.64
C ASN D 627 6.55 -8.25 -34.62
N LYS D 628 6.65 -6.97 -34.99
CA LYS D 628 5.67 -6.39 -35.89
C LYS D 628 5.67 -7.08 -37.24
N VAL D 629 6.85 -7.44 -37.77
CA VAL D 629 6.92 -8.13 -39.05
C VAL D 629 6.33 -9.53 -38.93
N ALA D 630 6.62 -10.23 -37.84
CA ALA D 630 6.06 -11.57 -37.65
C ALA D 630 4.55 -11.54 -37.51
N LEU D 631 3.99 -10.42 -37.04
CA LEU D 631 2.56 -10.37 -36.71
C LEU D 631 1.69 -10.35 -37.97
N THR D 632 2.04 -9.53 -38.96
CA THR D 632 1.18 -9.28 -40.11
C THR D 632 1.92 -9.58 -41.40
N ASP D 633 1.14 -9.89 -42.44
CA ASP D 633 1.73 -10.20 -43.75
C ASP D 633 2.15 -8.93 -44.48
N TYR D 634 1.28 -7.93 -44.52
CA TYR D 634 1.55 -6.70 -45.26
C TYR D 634 1.34 -5.42 -44.47
N GLU D 635 0.67 -5.47 -43.31
CA GLU D 635 0.39 -4.25 -42.56
C GLU D 635 1.66 -3.59 -42.05
N TRP D 636 2.63 -4.40 -41.62
CA TRP D 636 3.83 -3.84 -40.99
C TRP D 636 4.59 -2.90 -41.92
N LYS D 637 4.50 -3.12 -43.23
CA LYS D 637 5.20 -2.24 -44.17
C LYS D 637 4.74 -0.80 -44.03
N LEU D 638 3.51 -0.59 -43.56
CA LEU D 638 3.03 0.78 -43.37
C LEU D 638 3.79 1.48 -42.25
N TYR D 639 4.16 0.74 -41.20
CA TYR D 639 4.71 1.33 -39.99
C TYR D 639 6.22 1.20 -39.89
N ILE D 640 6.85 0.40 -40.74
CA ILE D 640 8.31 0.21 -40.68
C ILE D 640 8.92 0.46 -42.05
N PRO D 641 9.91 1.36 -42.16
CA PRO D 641 10.53 1.66 -43.46
C PRO D 641 11.61 0.66 -43.80
N TYR D 642 11.35 -0.16 -44.82
CA TYR D 642 12.33 -1.15 -45.26
C TYR D 642 11.99 -1.62 -46.67
#